data_3IJI
#
_entry.id   3IJI
#
_cell.length_a   141.432
_cell.length_b   100.079
_cell.length_c   60.000
_cell.angle_alpha   90.00
_cell.angle_beta   90.25
_cell.angle_gamma   90.00
#
_symmetry.space_group_name_H-M   'C 1 2 1'
#
loop_
_entity.id
_entity.type
_entity.pdbx_description
1 polymer 'Muconate cycloisomerase'
2 non-polymer ALANINE
3 non-polymer 'D-GLUTAMIC ACID'
4 non-polymer 'MAGNESIUM ION'
5 water water
#
_entity_poly.entity_id   1
_entity_poly.type   'polypeptide(L)'
_entity_poly.pdbx_seq_one_letter_code
;MKMTFFPYELKLRHVFTVATYSRTTTPDVQVEIEYEGVTGYGEASMPPYLGETVESVMNFLKKVNLEQFSDPFQLEDILS
YVDSLSPKDTAAKAAVDIALHDLVGKLLGAPWYKIWGLNKEKTPSTTFTIGIDTPDVVRAKTKECAGLFNILKVKLGRDN
DKEMIETIRSVTDLPIAVDANQGWKDRQYALDMIHWLKEKGIVMIEQPMPKEQLDDIAWVTQQSPLPVFADESLQRLGDV
AALKGAFTGINIKLMKCTGMREAWKMVTLAHALGMRVMVGCMTETSCAISAASQFSPAVDFADLDGNLLISNDRFKGVEV
VNGKITLNDLPGIGVMKI
;
_entity_poly.pdbx_strand_id   A,B
#
loop_
_chem_comp.id
_chem_comp.type
_chem_comp.name
_chem_comp.formula
MG non-polymer 'MAGNESIUM ION' 'Mg 2'
#
# COMPACT_ATOMS: atom_id res chain seq x y z
N LYS A 2 10.41 27.70 5.91
CA LYS A 2 9.52 28.16 4.80
C LYS A 2 8.34 27.21 4.68
N MET A 3 7.13 27.72 4.85
CA MET A 3 5.95 26.89 4.75
C MET A 3 5.15 27.19 3.48
N THR A 4 4.87 26.15 2.71
CA THR A 4 4.07 26.29 1.50
C THR A 4 2.89 25.34 1.64
N PHE A 5 1.82 25.61 0.91
CA PHE A 5 0.62 24.79 1.01
C PHE A 5 -0.28 24.97 -0.20
N PHE A 6 -1.07 23.94 -0.49
CA PHE A 6 -1.96 24.01 -1.65
C PHE A 6 -3.09 22.99 -1.53
N PRO A 7 -4.24 23.30 -2.15
CA PRO A 7 -5.41 22.42 -2.13
C PRO A 7 -5.10 21.13 -2.88
N TYR A 8 -5.58 20.01 -2.34
CA TYR A 8 -5.37 18.70 -2.95
C TYR A 8 -6.60 17.85 -2.64
N GLU A 9 -7.65 18.02 -3.43
CA GLU A 9 -8.88 17.27 -3.21
C GLU A 9 -8.67 15.76 -3.28
N LEU A 10 -9.18 15.06 -2.28
CA LEU A 10 -9.07 13.60 -2.24
C LEU A 10 -10.21 13.00 -3.03
N LYS A 11 -9.89 12.02 -3.87
CA LYS A 11 -10.89 11.32 -4.67
C LYS A 11 -11.17 10.00 -3.97
N LEU A 12 -12.42 9.80 -3.56
CA LEU A 12 -12.77 8.56 -2.86
C LEU A 12 -13.01 7.43 -3.84
N ARG A 13 -12.57 6.23 -3.47
CA ARG A 13 -12.73 5.07 -4.34
C ARG A 13 -14.20 4.72 -4.56
N HIS A 14 -15.03 4.97 -3.56
CA HIS A 14 -16.46 4.68 -3.66
C HIS A 14 -17.24 5.71 -2.85
N VAL A 15 -18.56 5.74 -3.06
CA VAL A 15 -19.39 6.67 -2.32
C VAL A 15 -19.18 6.36 -0.84
N PHE A 16 -18.90 7.40 -0.08
CA PHE A 16 -18.63 7.27 1.36
C PHE A 16 -19.73 7.98 2.15
N THR A 17 -20.35 7.26 3.08
CA THR A 17 -21.44 7.83 3.85
C THR A 17 -21.23 7.95 5.36
N VAL A 18 -21.66 9.09 5.89
CA VAL A 18 -21.60 9.39 7.31
C VAL A 18 -23.03 9.78 7.67
N ALA A 19 -23.71 8.91 8.41
CA ALA A 19 -25.11 9.14 8.78
C ALA A 19 -25.94 9.13 7.50
N THR A 20 -26.51 10.27 7.14
CA THR A 20 -27.33 10.37 5.93
C THR A 20 -26.60 11.21 4.88
N TYR A 21 -25.33 11.50 5.12
CA TYR A 21 -24.52 12.31 4.21
C TYR A 21 -23.49 11.51 3.43
N SER A 22 -23.70 11.42 2.11
CA SER A 22 -22.81 10.68 1.23
C SER A 22 -21.97 11.65 0.39
N ARG A 23 -20.75 11.23 0.06
CA ARG A 23 -19.87 12.08 -0.75
C ARG A 23 -18.87 11.23 -1.54
N THR A 24 -18.23 11.82 -2.54
CA THR A 24 -17.27 11.10 -3.35
C THR A 24 -15.91 11.78 -3.40
N THR A 25 -15.79 12.91 -2.71
CA THR A 25 -14.53 13.66 -2.65
C THR A 25 -14.40 14.27 -1.26
N THR A 26 -13.17 14.65 -0.90
CA THR A 26 -12.92 15.27 0.38
C THR A 26 -11.93 16.42 0.25
N PRO A 27 -12.34 17.64 0.63
CA PRO A 27 -11.43 18.79 0.53
C PRO A 27 -10.21 18.49 1.40
N ASP A 28 -9.04 18.88 0.93
CA ASP A 28 -7.81 18.58 1.66
C ASP A 28 -6.75 19.60 1.25
N VAL A 29 -5.87 19.95 2.18
CA VAL A 29 -4.79 20.89 1.87
C VAL A 29 -3.49 20.24 2.30
N GLN A 30 -2.51 20.21 1.39
CA GLN A 30 -1.21 19.62 1.67
C GLN A 30 -0.24 20.70 2.06
N VAL A 31 0.52 20.46 3.14
CA VAL A 31 1.47 21.44 3.66
C VAL A 31 2.90 20.93 3.68
N GLU A 32 3.83 21.84 3.44
CA GLU A 32 5.25 21.50 3.47
C GLU A 32 6.03 22.59 4.19
N ILE A 33 6.91 22.17 5.10
CA ILE A 33 7.74 23.12 5.84
C ILE A 33 9.19 22.73 5.58
N GLU A 34 9.93 23.62 4.96
CA GLU A 34 11.32 23.38 4.62
C GLU A 34 12.25 24.13 5.56
N TYR A 35 13.31 23.47 5.99
CA TYR A 35 14.29 24.03 6.89
C TYR A 35 15.66 23.44 6.60
N GLU A 36 16.59 24.29 6.17
CA GLU A 36 17.94 23.86 5.85
C GLU A 36 18.01 22.61 4.98
N GLY A 37 17.20 22.57 3.93
CA GLY A 37 17.21 21.44 3.02
C GLY A 37 16.35 20.24 3.40
N VAL A 38 15.74 20.28 4.58
CA VAL A 38 14.90 19.18 5.04
C VAL A 38 13.44 19.61 4.93
N THR A 39 12.58 18.71 4.46
CA THR A 39 11.17 19.03 4.30
C THR A 39 10.24 18.14 5.12
N GLY A 40 9.33 18.78 5.85
CA GLY A 40 8.36 18.05 6.65
C GLY A 40 7.01 18.15 5.95
N TYR A 41 6.31 17.04 5.87
CA TYR A 41 5.00 17.00 5.20
C TYR A 41 3.83 17.00 6.17
N GLY A 42 2.86 17.88 5.88
CA GLY A 42 1.69 17.98 6.71
C GLY A 42 0.43 17.90 5.88
N GLU A 43 -0.71 17.74 6.53
CA GLU A 43 -1.97 17.62 5.81
C GLU A 43 -3.16 18.01 6.65
N ALA A 44 -4.12 18.63 5.98
CA ALA A 44 -5.36 19.01 6.60
C ALA A 44 -6.45 18.34 5.74
N SER A 45 -7.36 17.63 6.39
CA SER A 45 -8.46 16.96 5.68
C SER A 45 -9.76 17.57 6.21
N MET A 46 -10.63 17.98 5.29
CA MET A 46 -11.87 18.64 5.65
C MET A 46 -13.22 18.03 5.27
N PRO A 47 -13.68 17.00 5.99
CA PRO A 47 -14.98 16.45 5.61
C PRO A 47 -15.92 17.66 5.76
N PRO A 48 -16.67 17.99 4.71
CA PRO A 48 -17.59 19.14 4.74
C PRO A 48 -18.43 19.38 5.99
N TYR A 49 -18.99 18.32 6.57
CA TYR A 49 -19.83 18.49 7.74
C TYR A 49 -19.09 18.85 9.02
N LEU A 50 -17.76 18.89 8.97
CA LEU A 50 -17.00 19.24 10.17
C LEU A 50 -16.65 20.73 10.29
N GLY A 51 -17.20 21.55 9.40
CA GLY A 51 -16.98 22.98 9.50
C GLY A 51 -15.86 23.71 8.79
N GLU A 52 -14.85 22.99 8.31
CA GLU A 52 -13.76 23.65 7.61
C GLU A 52 -13.86 23.43 6.11
N THR A 53 -13.18 24.26 5.34
CA THR A 53 -13.20 24.18 3.88
C THR A 53 -11.84 24.54 3.32
N VAL A 54 -11.67 24.40 2.01
CA VAL A 54 -10.40 24.75 1.40
C VAL A 54 -10.14 26.22 1.70
N GLU A 55 -11.18 27.05 1.54
CA GLU A 55 -11.06 28.48 1.80
C GLU A 55 -10.62 28.78 3.23
N SER A 56 -11.31 28.18 4.21
CA SER A 56 -10.97 28.44 5.61
C SER A 56 -9.55 28.00 5.95
N VAL A 57 -9.14 26.84 5.44
CA VAL A 57 -7.80 26.33 5.72
C VAL A 57 -6.71 27.17 5.06
N MET A 58 -6.91 27.52 3.79
CA MET A 58 -5.94 28.35 3.08
C MET A 58 -5.83 29.71 3.77
N ASN A 59 -6.96 30.28 4.14
CA ASN A 59 -6.94 31.58 4.80
C ASN A 59 -6.25 31.51 6.16
N PHE A 60 -6.44 30.41 6.88
CA PHE A 60 -5.78 30.26 8.17
C PHE A 60 -4.28 30.14 7.97
N LEU A 61 -3.87 29.26 7.07
CA LEU A 61 -2.45 29.03 6.82
C LEU A 61 -1.74 30.31 6.38
N LYS A 62 -2.44 31.18 5.68
CA LYS A 62 -1.85 32.44 5.22
C LYS A 62 -1.54 33.36 6.40
N LYS A 63 -2.14 33.09 7.55
CA LYS A 63 -1.90 33.90 8.74
C LYS A 63 -0.68 33.43 9.52
N VAL A 64 -0.25 32.21 9.25
CA VAL A 64 0.88 31.63 9.96
C VAL A 64 2.26 32.10 9.49
N ASN A 65 3.04 32.66 10.41
CA ASN A 65 4.38 33.12 10.10
C ASN A 65 5.38 32.28 10.88
N LEU A 66 5.98 31.29 10.21
CA LEU A 66 6.95 30.42 10.84
C LEU A 66 8.37 30.92 10.59
N GLU A 67 8.52 31.83 9.64
CA GLU A 67 9.84 32.37 9.31
C GLU A 67 10.43 33.13 10.48
N GLN A 68 9.56 33.60 11.38
CA GLN A 68 10.01 34.35 12.56
C GLN A 68 10.61 33.43 13.61
N PHE A 69 10.44 32.12 13.42
CA PHE A 69 10.98 31.12 14.34
C PHE A 69 12.25 30.51 13.73
N SER A 70 13.37 30.63 14.42
CA SER A 70 14.64 30.12 13.93
C SER A 70 14.96 28.70 14.35
N ASP A 71 14.13 28.13 15.23
CA ASP A 71 14.37 26.78 15.73
C ASP A 71 13.11 25.91 15.64
N PRO A 72 13.04 25.01 14.66
CA PRO A 72 11.86 24.14 14.51
C PRO A 72 11.58 23.22 15.71
N PHE A 73 12.59 23.03 16.56
CA PHE A 73 12.44 22.17 17.73
C PHE A 73 11.58 22.78 18.85
N GLN A 74 11.34 24.08 18.79
CA GLN A 74 10.55 24.72 19.83
C GLN A 74 9.06 24.57 19.53
N LEU A 75 8.61 23.32 19.50
CA LEU A 75 7.22 23.00 19.20
C LEU A 75 6.20 23.58 20.20
N GLU A 76 6.57 23.63 21.47
CA GLU A 76 5.66 24.18 22.47
C GLU A 76 5.31 25.61 22.10
N ASP A 77 6.34 26.42 21.88
CA ASP A 77 6.18 27.83 21.52
C ASP A 77 5.51 28.02 20.16
N ILE A 78 5.99 27.28 19.16
CA ILE A 78 5.45 27.41 17.81
C ILE A 78 3.97 27.04 17.73
N LEU A 79 3.60 25.89 18.30
CA LEU A 79 2.22 25.46 18.23
C LEU A 79 1.29 26.25 19.14
N SER A 80 1.84 26.90 20.17
CA SER A 80 1.02 27.74 21.05
C SER A 80 0.66 28.96 20.21
N TYR A 81 1.65 29.46 19.47
CA TYR A 81 1.45 30.61 18.58
C TYR A 81 0.43 30.27 17.50
N VAL A 82 0.59 29.10 16.88
CA VAL A 82 -0.34 28.69 15.84
C VAL A 82 -1.78 28.59 16.37
N ASP A 83 -1.95 28.04 17.57
CA ASP A 83 -3.28 27.89 18.15
C ASP A 83 -3.91 29.25 18.45
N SER A 84 -3.09 30.23 18.84
CA SER A 84 -3.58 31.56 19.18
C SER A 84 -4.11 32.38 18.02
N LEU A 85 -3.85 31.93 16.79
CA LEU A 85 -4.29 32.66 15.61
C LEU A 85 -5.79 32.63 15.35
N SER A 86 -6.49 31.67 15.96
CA SER A 86 -7.94 31.57 15.78
C SER A 86 -8.55 30.64 16.83
N PRO A 87 -9.87 30.72 17.02
CA PRO A 87 -10.57 29.89 18.00
C PRO A 87 -10.58 28.41 17.64
N LYS A 88 -10.84 28.11 16.36
CA LYS A 88 -10.90 26.73 15.91
C LYS A 88 -9.92 26.40 14.79
N ASP A 89 -10.43 26.12 13.59
CA ASP A 89 -9.58 25.75 12.45
C ASP A 89 -8.64 24.63 12.87
N THR A 90 -9.16 23.63 13.56
CA THR A 90 -8.31 22.54 14.05
C THR A 90 -7.63 21.69 12.98
N ALA A 91 -8.25 21.52 11.82
CA ALA A 91 -7.63 20.74 10.76
C ALA A 91 -6.47 21.54 10.15
N ALA A 92 -6.67 22.83 9.95
CA ALA A 92 -5.60 23.67 9.39
C ALA A 92 -4.41 23.67 10.37
N LYS A 93 -4.73 23.74 11.67
CA LYS A 93 -3.69 23.74 12.69
C LYS A 93 -2.98 22.39 12.74
N ALA A 94 -3.73 21.32 12.56
CA ALA A 94 -3.15 19.99 12.57
C ALA A 94 -2.14 19.83 11.44
N ALA A 95 -2.44 20.43 10.29
CA ALA A 95 -1.54 20.33 9.15
C ALA A 95 -0.17 20.92 9.47
N VAL A 96 -0.16 22.06 10.17
CA VAL A 96 1.10 22.70 10.55
C VAL A 96 1.83 21.82 11.55
N ASP A 97 1.08 21.29 12.52
CA ASP A 97 1.63 20.41 13.53
C ASP A 97 2.26 19.17 12.90
N ILE A 98 1.54 18.53 11.99
CA ILE A 98 2.07 17.32 11.37
C ILE A 98 3.36 17.60 10.59
N ALA A 99 3.37 18.67 9.81
CA ALA A 99 4.57 19.01 9.05
C ALA A 99 5.75 19.30 9.98
N LEU A 100 5.49 19.99 11.09
CA LEU A 100 6.55 20.30 12.04
C LEU A 100 7.12 19.06 12.69
N HIS A 101 6.25 18.10 13.04
CA HIS A 101 6.73 16.88 13.66
C HIS A 101 7.54 16.08 12.64
N ASP A 102 7.09 16.06 11.39
CA ASP A 102 7.82 15.33 10.38
C ASP A 102 9.21 15.93 10.25
N LEU A 103 9.27 17.26 10.19
CA LEU A 103 10.53 17.99 10.08
C LEU A 103 11.47 17.71 11.25
N VAL A 104 10.95 17.88 12.46
CA VAL A 104 11.76 17.65 13.67
C VAL A 104 12.25 16.21 13.73
N GLY A 105 11.39 15.25 13.38
CA GLY A 105 11.79 13.86 13.41
C GLY A 105 12.90 13.61 12.41
N LYS A 106 12.81 14.25 11.25
CA LYS A 106 13.83 14.10 10.23
C LYS A 106 15.15 14.72 10.70
N LEU A 107 15.06 15.85 11.39
CA LEU A 107 16.25 16.51 11.89
C LEU A 107 16.93 15.68 12.97
N LEU A 108 16.13 14.96 13.74
CA LEU A 108 16.64 14.10 14.81
C LEU A 108 17.04 12.74 14.27
N GLY A 109 16.47 12.37 13.12
CA GLY A 109 16.79 11.08 12.53
C GLY A 109 16.04 9.94 13.19
N ALA A 110 14.82 10.20 13.64
CA ALA A 110 14.03 9.17 14.28
C ALA A 110 12.53 9.36 14.10
N PRO A 111 11.78 8.25 14.07
CA PRO A 111 10.32 8.33 13.90
C PRO A 111 9.72 8.72 15.27
N TRP A 112 8.55 9.33 15.27
CA TRP A 112 7.98 9.72 16.54
C TRP A 112 7.60 8.61 17.50
N TYR A 113 7.26 7.42 17.01
CA TYR A 113 6.92 6.36 17.95
C TYR A 113 8.16 6.07 18.80
N LYS A 114 9.34 6.24 18.20
CA LYS A 114 10.60 5.97 18.90
C LYS A 114 10.92 7.13 19.84
N ILE A 115 10.71 8.35 19.38
CA ILE A 115 10.95 9.53 20.20
C ILE A 115 10.07 9.50 21.43
N TRP A 116 8.82 9.04 21.26
CA TRP A 116 7.87 8.95 22.36
C TRP A 116 8.13 7.74 23.27
N GLY A 117 9.05 6.87 22.86
CA GLY A 117 9.41 5.70 23.66
C GLY A 117 8.49 4.50 23.57
N LEU A 118 7.80 4.37 22.44
CA LEU A 118 6.87 3.27 22.23
C LEU A 118 7.46 2.08 21.46
N ASN A 119 6.84 0.92 21.64
CA ASN A 119 7.26 -0.31 20.97
C ASN A 119 6.37 -0.48 19.74
N LYS A 120 6.96 -0.36 18.56
CA LYS A 120 6.20 -0.47 17.31
C LYS A 120 5.50 -1.81 17.14
N GLU A 121 5.99 -2.83 17.83
CA GLU A 121 5.36 -4.15 17.72
C GLU A 121 4.01 -4.18 18.44
N LYS A 122 3.72 -3.15 19.21
CA LYS A 122 2.46 -3.09 19.93
C LYS A 122 1.38 -2.30 19.20
N THR A 123 1.60 -2.05 17.91
CA THR A 123 0.59 -1.35 17.11
C THR A 123 -0.64 -2.25 17.09
N PRO A 124 -1.83 -1.64 17.02
CA PRO A 124 -3.08 -2.40 17.00
C PRO A 124 -3.54 -2.84 15.62
N SER A 125 -4.60 -3.65 15.62
CA SER A 125 -5.22 -4.08 14.38
C SER A 125 -6.09 -2.88 14.04
N THR A 126 -6.21 -2.55 12.77
CA THR A 126 -7.08 -1.45 12.39
C THR A 126 -8.38 -2.04 11.88
N THR A 127 -9.48 -1.34 12.14
CA THR A 127 -10.76 -1.82 11.64
C THR A 127 -10.86 -1.42 10.17
N PHE A 128 -11.82 -2.02 9.48
CA PHE A 128 -12.14 -1.72 8.10
C PHE A 128 -13.66 -1.81 8.16
N THR A 129 -14.33 -0.89 7.50
CA THR A 129 -15.79 -0.84 7.54
C THR A 129 -16.56 -1.66 6.51
N ILE A 130 -17.65 -2.27 6.96
CA ILE A 130 -18.54 -3.01 6.08
C ILE A 130 -19.67 -2.00 5.92
N GLY A 131 -19.80 -1.43 4.73
CA GLY A 131 -20.82 -0.43 4.49
C GLY A 131 -22.26 -0.90 4.48
N ILE A 132 -23.17 0.00 4.86
CA ILE A 132 -24.59 -0.29 4.90
C ILE A 132 -25.05 -0.45 3.45
N ASP A 133 -25.74 -1.55 3.16
CA ASP A 133 -26.22 -1.80 1.81
C ASP A 133 -27.16 -3.00 1.84
N THR A 134 -27.57 -3.48 0.67
CA THR A 134 -28.46 -4.63 0.58
C THR A 134 -27.72 -5.84 1.14
N PRO A 135 -28.44 -6.77 1.77
CA PRO A 135 -27.86 -7.98 2.36
C PRO A 135 -26.89 -8.70 1.43
N ASP A 136 -27.21 -8.73 0.14
CA ASP A 136 -26.36 -9.39 -0.85
C ASP A 136 -25.01 -8.69 -0.97
N VAL A 137 -25.05 -7.36 -1.05
CA VAL A 137 -23.84 -6.57 -1.18
C VAL A 137 -23.03 -6.65 0.12
N VAL A 138 -23.71 -6.59 1.24
CA VAL A 138 -23.06 -6.66 2.54
C VAL A 138 -22.30 -7.97 2.71
N ARG A 139 -22.96 -9.08 2.38
CA ARG A 139 -22.32 -10.39 2.49
C ARG A 139 -21.11 -10.49 1.56
N ALA A 140 -21.24 -9.92 0.37
CA ALA A 140 -20.16 -9.94 -0.61
C ALA A 140 -18.98 -9.10 -0.14
N LYS A 141 -19.25 -7.86 0.25
CA LYS A 141 -18.20 -6.96 0.73
C LYS A 141 -17.51 -7.51 1.98
N THR A 142 -18.29 -8.14 2.85
CA THR A 142 -17.72 -8.71 4.06
C THR A 142 -16.73 -9.82 3.70
N LYS A 143 -17.14 -10.70 2.78
CA LYS A 143 -16.29 -11.80 2.35
C LYS A 143 -15.02 -11.32 1.64
N GLU A 144 -15.15 -10.23 0.90
CA GLU A 144 -14.01 -9.68 0.16
C GLU A 144 -12.87 -9.11 0.99
N CYS A 145 -13.18 -8.55 2.16
CA CYS A 145 -12.15 -7.94 3.00
C CYS A 145 -11.84 -8.68 4.30
N ALA A 146 -12.78 -9.49 4.76
CA ALA A 146 -12.62 -10.23 6.01
C ALA A 146 -11.28 -10.95 6.14
N GLY A 147 -10.73 -11.41 5.02
CA GLY A 147 -9.47 -12.12 5.07
C GLY A 147 -8.23 -11.29 5.35
N LEU A 148 -8.34 -9.97 5.23
CA LEU A 148 -7.20 -9.09 5.47
C LEU A 148 -7.22 -8.36 6.81
N PHE A 149 -8.36 -8.36 7.48
CA PHE A 149 -8.49 -7.67 8.75
C PHE A 149 -8.83 -8.59 9.92
N ASN A 150 -8.50 -8.13 11.12
CA ASN A 150 -8.72 -8.92 12.34
C ASN A 150 -9.96 -8.46 13.08
N ILE A 151 -10.49 -7.31 12.68
CA ILE A 151 -11.66 -6.74 13.33
C ILE A 151 -12.36 -5.86 12.30
N LEU A 152 -13.68 -5.87 12.32
CA LEU A 152 -14.47 -5.09 11.37
C LEU A 152 -15.26 -4.00 12.07
N LYS A 153 -15.46 -2.89 11.36
CA LYS A 153 -16.23 -1.78 11.90
C LYS A 153 -17.59 -1.71 11.20
N VAL A 154 -18.62 -1.41 11.98
CA VAL A 154 -19.96 -1.29 11.44
C VAL A 154 -20.56 -0.02 12.02
N LYS A 155 -21.07 0.84 11.14
CA LYS A 155 -21.67 2.10 11.55
C LYS A 155 -23.17 1.89 11.73
N LEU A 156 -23.59 1.76 12.99
CA LEU A 156 -24.99 1.54 13.30
C LEU A 156 -25.73 2.84 13.61
N GLY A 157 -26.90 2.72 14.22
CA GLY A 157 -27.69 3.90 14.54
C GLY A 157 -28.63 4.17 13.38
N ARG A 158 -28.84 3.14 12.56
CA ARG A 158 -29.72 3.21 11.40
C ARG A 158 -31.03 2.49 11.71
N ASP A 159 -31.76 2.14 10.66
CA ASP A 159 -33.04 1.44 10.82
C ASP A 159 -32.95 -0.05 10.55
N ASN A 160 -31.73 -0.54 10.30
CA ASN A 160 -31.52 -1.95 10.01
C ASN A 160 -30.30 -2.49 10.73
N ASP A 161 -30.01 -1.94 11.90
CA ASP A 161 -28.85 -2.36 12.68
C ASP A 161 -28.76 -3.86 12.94
N LYS A 162 -29.81 -4.45 13.48
CA LYS A 162 -29.79 -5.87 13.76
C LYS A 162 -29.62 -6.73 12.52
N GLU A 163 -30.35 -6.40 11.46
CA GLU A 163 -30.24 -7.16 10.22
C GLU A 163 -28.80 -7.09 9.71
N MET A 164 -28.21 -5.89 9.80
CA MET A 164 -26.85 -5.68 9.35
C MET A 164 -25.86 -6.60 10.07
N ILE A 165 -25.93 -6.59 11.40
CA ILE A 165 -25.04 -7.43 12.20
C ILE A 165 -25.27 -8.92 11.90
N GLU A 166 -26.53 -9.32 11.74
CA GLU A 166 -26.83 -10.72 11.44
C GLU A 166 -26.29 -11.12 10.07
N THR A 167 -26.42 -10.22 9.10
CA THR A 167 -25.93 -10.48 7.74
C THR A 167 -24.42 -10.69 7.76
N ILE A 168 -23.71 -9.79 8.42
CA ILE A 168 -22.26 -9.87 8.51
C ILE A 168 -21.83 -11.11 9.28
N ARG A 169 -22.45 -11.35 10.43
CA ARG A 169 -22.11 -12.48 11.27
C ARG A 169 -22.37 -13.84 10.59
N SER A 170 -23.17 -13.83 9.53
CA SER A 170 -23.48 -15.07 8.82
C SER A 170 -22.35 -15.50 7.88
N VAL A 171 -21.37 -14.63 7.69
CA VAL A 171 -20.25 -14.96 6.80
C VAL A 171 -18.88 -14.80 7.46
N THR A 172 -18.85 -14.28 8.69
CA THR A 172 -17.59 -14.11 9.40
C THR A 172 -17.74 -14.19 10.91
N ASP A 173 -16.69 -14.64 11.58
CA ASP A 173 -16.67 -14.78 13.03
C ASP A 173 -15.75 -13.72 13.65
N LEU A 174 -15.32 -12.77 12.83
CA LEU A 174 -14.42 -11.71 13.29
C LEU A 174 -15.08 -10.79 14.31
N PRO A 175 -14.29 -10.29 15.29
CA PRO A 175 -14.89 -9.40 16.27
C PRO A 175 -15.30 -8.13 15.55
N ILE A 176 -16.31 -7.45 16.07
CA ILE A 176 -16.81 -6.23 15.44
C ILE A 176 -16.82 -5.06 16.40
N ALA A 177 -16.44 -3.89 15.90
CA ALA A 177 -16.45 -2.67 16.69
C ALA A 177 -17.57 -1.85 16.07
N VAL A 178 -18.48 -1.33 16.90
CA VAL A 178 -19.58 -0.55 16.36
C VAL A 178 -19.52 0.92 16.74
N ASP A 179 -19.93 1.77 15.81
CA ASP A 179 -19.98 3.20 16.04
C ASP A 179 -21.45 3.58 15.78
N ALA A 180 -22.17 3.88 16.86
CA ALA A 180 -23.59 4.23 16.76
C ALA A 180 -23.79 5.65 16.23
N ASN A 181 -22.75 6.45 16.24
CA ASN A 181 -22.83 7.83 15.76
C ASN A 181 -24.02 8.58 16.37
N GLN A 182 -24.12 8.54 17.69
CA GLN A 182 -25.20 9.24 18.40
C GLN A 182 -26.59 8.80 17.94
N GLY A 183 -26.67 7.66 17.28
CA GLY A 183 -27.93 7.18 16.75
C GLY A 183 -29.01 6.76 17.75
N TRP A 184 -28.61 6.33 18.94
CA TRP A 184 -29.58 5.90 19.95
C TRP A 184 -29.94 7.00 20.94
N LYS A 185 -31.20 7.44 20.91
CA LYS A 185 -31.68 8.50 21.80
C LYS A 185 -32.22 7.99 23.13
N ASP A 186 -32.63 6.73 23.18
CA ASP A 186 -33.17 6.16 24.41
C ASP A 186 -32.11 5.33 25.12
N ARG A 187 -31.77 5.74 26.35
CA ARG A 187 -30.76 5.04 27.12
C ARG A 187 -31.08 3.57 27.35
N GLN A 188 -32.36 3.26 27.52
CA GLN A 188 -32.78 1.89 27.72
C GLN A 188 -32.54 1.08 26.44
N TYR A 189 -32.91 1.67 25.31
CA TYR A 189 -32.73 1.03 24.02
C TYR A 189 -31.24 0.83 23.74
N ALA A 190 -30.45 1.84 24.07
CA ALA A 190 -29.01 1.79 23.86
C ALA A 190 -28.40 0.67 24.69
N LEU A 191 -28.81 0.56 25.95
CA LEU A 191 -28.28 -0.48 26.83
C LEU A 191 -28.66 -1.88 26.36
N ASP A 192 -29.92 -2.06 25.96
CA ASP A 192 -30.38 -3.36 25.49
C ASP A 192 -29.63 -3.74 24.22
N MET A 193 -29.38 -2.75 23.37
CA MET A 193 -28.68 -2.98 22.11
C MET A 193 -27.26 -3.43 22.37
N ILE A 194 -26.60 -2.81 23.35
CA ILE A 194 -25.23 -3.17 23.69
C ILE A 194 -25.17 -4.62 24.15
N HIS A 195 -26.15 -5.03 24.94
CA HIS A 195 -26.20 -6.41 25.43
C HIS A 195 -26.41 -7.37 24.26
N TRP A 196 -27.27 -6.98 23.32
CA TRP A 196 -27.55 -7.81 22.15
C TRP A 196 -26.31 -7.94 21.27
N LEU A 197 -25.62 -6.82 21.07
CA LEU A 197 -24.42 -6.80 20.24
C LEU A 197 -23.31 -7.65 20.88
N LYS A 198 -23.21 -7.58 22.20
CA LYS A 198 -22.20 -8.34 22.93
C LYS A 198 -22.36 -9.83 22.63
N GLU A 199 -23.60 -10.32 22.65
CA GLU A 199 -23.86 -11.72 22.37
C GLU A 199 -23.53 -12.03 20.91
N LYS A 200 -23.52 -11.00 20.07
CA LYS A 200 -23.22 -11.17 18.66
C LYS A 200 -21.73 -11.01 18.34
N GLY A 201 -20.91 -10.93 19.37
CA GLY A 201 -19.48 -10.82 19.15
C GLY A 201 -18.91 -9.42 18.97
N ILE A 202 -19.68 -8.40 19.32
CA ILE A 202 -19.19 -7.03 19.21
C ILE A 202 -18.32 -6.81 20.44
N VAL A 203 -17.17 -6.17 20.27
CA VAL A 203 -16.24 -5.97 21.38
C VAL A 203 -16.09 -4.54 21.90
N MET A 204 -16.72 -3.58 21.23
CA MET A 204 -16.60 -2.19 21.65
C MET A 204 -17.72 -1.34 21.08
N ILE A 205 -18.15 -0.36 21.86
CA ILE A 205 -19.23 0.53 21.46
C ILE A 205 -18.72 1.98 21.43
N GLU A 206 -19.00 2.68 20.33
CA GLU A 206 -18.56 4.06 20.19
C GLU A 206 -19.75 5.01 20.08
N GLN A 207 -19.69 6.10 20.85
CA GLN A 207 -20.72 7.15 20.87
C GLN A 207 -22.14 6.63 20.67
N PRO A 208 -22.65 5.85 21.63
CA PRO A 208 -24.00 5.29 21.54
C PRO A 208 -25.13 6.32 21.44
N MET A 209 -24.99 7.42 22.18
CA MET A 209 -26.03 8.44 22.20
C MET A 209 -25.52 9.85 21.88
N PRO A 210 -26.43 10.79 21.61
CA PRO A 210 -26.04 12.17 21.29
C PRO A 210 -25.20 12.77 22.41
N LYS A 211 -24.28 13.66 22.05
CA LYS A 211 -23.41 14.28 23.04
C LYS A 211 -24.16 15.15 24.04
N GLU A 212 -25.35 15.61 23.65
CA GLU A 212 -26.17 16.45 24.51
C GLU A 212 -26.72 15.65 25.69
N GLN A 213 -26.73 14.33 25.56
CA GLN A 213 -27.25 13.46 26.61
C GLN A 213 -26.14 12.72 27.35
N LEU A 214 -25.20 13.48 27.91
CA LEU A 214 -24.09 12.89 28.63
C LEU A 214 -24.55 12.13 29.87
N ASP A 215 -25.65 12.58 30.47
CA ASP A 215 -26.19 11.92 31.65
C ASP A 215 -26.66 10.51 31.33
N ASP A 216 -27.39 10.37 30.22
CA ASP A 216 -27.89 9.07 29.81
C ASP A 216 -26.72 8.16 29.41
N ILE A 217 -25.70 8.74 28.79
CA ILE A 217 -24.53 7.98 28.38
C ILE A 217 -23.84 7.37 29.59
N ALA A 218 -23.64 8.18 30.63
CA ALA A 218 -22.98 7.69 31.84
C ALA A 218 -23.81 6.56 32.44
N TRP A 219 -25.12 6.69 32.37
CA TRP A 219 -26.04 5.68 32.90
C TRP A 219 -25.83 4.33 32.19
N VAL A 220 -25.69 4.38 30.88
CA VAL A 220 -25.48 3.17 30.09
C VAL A 220 -24.09 2.59 30.31
N THR A 221 -23.08 3.44 30.23
CA THR A 221 -21.69 2.99 30.41
C THR A 221 -21.47 2.31 31.76
N GLN A 222 -22.04 2.88 32.81
CA GLN A 222 -21.90 2.33 34.15
C GLN A 222 -22.37 0.88 34.27
N GLN A 223 -23.28 0.48 33.38
CA GLN A 223 -23.81 -0.88 33.41
C GLN A 223 -23.62 -1.61 32.08
N SER A 224 -22.66 -1.14 31.29
CA SER A 224 -22.39 -1.74 29.99
C SER A 224 -21.37 -2.88 30.10
N PRO A 225 -21.62 -4.00 29.41
CA PRO A 225 -20.71 -5.14 29.44
C PRO A 225 -19.53 -4.93 28.49
N LEU A 226 -19.60 -3.85 27.69
CA LEU A 226 -18.55 -3.53 26.74
C LEU A 226 -18.01 -2.12 26.95
N PRO A 227 -16.76 -1.87 26.55
CA PRO A 227 -16.18 -0.54 26.71
C PRO A 227 -16.89 0.45 25.79
N VAL A 228 -17.18 1.64 26.32
CA VAL A 228 -17.87 2.67 25.54
C VAL A 228 -16.92 3.84 25.31
N PHE A 229 -16.68 4.16 24.04
CA PHE A 229 -15.77 5.23 23.67
C PHE A 229 -16.48 6.50 23.17
N ALA A 230 -15.93 7.64 23.56
CA ALA A 230 -16.49 8.93 23.16
C ALA A 230 -15.82 9.44 21.89
N ASP A 231 -16.62 10.00 20.99
CA ASP A 231 -16.09 10.56 19.74
C ASP A 231 -16.64 11.97 19.59
N GLU A 232 -17.88 12.10 19.13
CA GLU A 232 -18.50 13.41 18.97
C GLU A 232 -18.56 14.16 20.30
N SER A 233 -18.49 13.44 21.41
CA SER A 233 -18.54 14.04 22.74
C SER A 233 -17.28 14.83 23.13
N LEU A 234 -16.26 14.83 22.28
CA LEU A 234 -15.05 15.58 22.58
C LEU A 234 -14.32 15.98 21.30
N GLN A 235 -13.54 17.05 21.40
CA GLN A 235 -12.77 17.54 20.27
C GLN A 235 -11.28 17.65 20.60
N ARG A 236 -10.99 18.36 21.68
CA ARG A 236 -9.61 18.60 22.09
C ARG A 236 -9.27 18.20 23.53
N LEU A 237 -8.03 18.47 23.91
CA LEU A 237 -7.52 18.16 25.24
C LEU A 237 -8.41 18.69 26.36
N GLY A 238 -8.86 19.94 26.20
CA GLY A 238 -9.70 20.55 27.21
C GLY A 238 -11.10 19.96 27.37
N ASP A 239 -11.43 18.97 26.56
CA ASP A 239 -12.76 18.35 26.62
C ASP A 239 -12.73 16.96 27.25
N VAL A 240 -11.54 16.42 27.47
CA VAL A 240 -11.37 15.08 28.02
C VAL A 240 -11.81 14.84 29.47
N ALA A 241 -11.27 15.62 30.39
CA ALA A 241 -11.57 15.46 31.82
C ALA A 241 -13.07 15.35 32.14
N ALA A 242 -13.89 16.16 31.49
CA ALA A 242 -15.33 16.17 31.74
C ALA A 242 -16.01 14.85 31.44
N LEU A 243 -15.34 13.97 30.69
CA LEU A 243 -15.93 12.69 30.31
C LEU A 243 -15.62 11.54 31.26
N LYS A 244 -14.74 11.76 32.23
CA LYS A 244 -14.38 10.72 33.18
C LYS A 244 -15.65 10.24 33.90
N GLY A 245 -15.82 8.92 33.96
CA GLY A 245 -17.00 8.38 34.64
C GLY A 245 -18.21 8.20 33.76
N ALA A 246 -18.21 8.85 32.59
CA ALA A 246 -19.33 8.74 31.66
C ALA A 246 -18.97 7.82 30.49
N PHE A 247 -17.67 7.78 30.17
CA PHE A 247 -17.15 6.96 29.08
C PHE A 247 -16.00 6.09 29.57
N THR A 248 -15.82 4.94 28.91
CA THR A 248 -14.74 4.04 29.26
C THR A 248 -13.46 4.58 28.64
N GLY A 249 -13.60 5.25 27.50
CA GLY A 249 -12.44 5.81 26.82
C GLY A 249 -12.77 6.91 25.83
N ILE A 250 -11.75 7.46 25.19
CA ILE A 250 -11.93 8.55 24.21
C ILE A 250 -11.34 8.21 22.85
N ASN A 251 -11.89 8.84 21.82
CA ASN A 251 -11.41 8.64 20.45
C ASN A 251 -10.69 9.93 20.05
N ILE A 252 -9.46 9.79 19.58
CA ILE A 252 -8.65 10.93 19.15
C ILE A 252 -8.48 10.96 17.64
N LYS A 253 -8.67 12.13 17.05
CA LYS A 253 -8.47 12.30 15.62
C LYS A 253 -7.67 13.58 15.44
N LEU A 254 -6.58 13.50 14.68
CA LEU A 254 -5.72 14.65 14.45
C LEU A 254 -6.41 15.90 13.93
N MET A 255 -7.35 15.73 13.00
CA MET A 255 -8.05 16.88 12.43
C MET A 255 -8.97 17.58 13.42
N LYS A 256 -9.27 16.91 14.53
CA LYS A 256 -10.13 17.50 15.56
C LYS A 256 -9.33 18.12 16.71
N CYS A 257 -8.17 17.55 17.00
CA CYS A 257 -7.37 18.01 18.13
C CYS A 257 -6.17 18.92 17.88
N THR A 258 -5.96 19.30 16.62
CA THR A 258 -4.85 20.16 16.16
C THR A 258 -3.51 19.47 15.94
N GLY A 259 -3.51 18.14 15.85
CA GLY A 259 -2.24 17.48 15.58
C GLY A 259 -1.68 16.51 16.59
N MET A 260 -0.48 16.06 16.29
CA MET A 260 0.24 15.08 17.10
C MET A 260 0.60 15.49 18.52
N ARG A 261 1.04 16.73 18.70
CA ARG A 261 1.43 17.16 20.05
C ARG A 261 0.24 17.14 21.01
N GLU A 262 -0.89 17.69 20.59
CA GLU A 262 -2.06 17.68 21.47
C GLU A 262 -2.60 16.26 21.60
N ALA A 263 -2.53 15.48 20.52
CA ALA A 263 -3.02 14.11 20.55
C ALA A 263 -2.29 13.31 21.63
N TRP A 264 -0.96 13.45 21.68
CA TRP A 264 -0.17 12.72 22.65
C TRP A 264 -0.51 13.17 24.08
N LYS A 265 -0.82 14.44 24.26
CA LYS A 265 -1.19 14.93 25.57
C LYS A 265 -2.54 14.33 25.96
N MET A 266 -3.42 14.13 24.98
CA MET A 266 -4.73 13.55 25.24
C MET A 266 -4.59 12.11 25.69
N VAL A 267 -3.63 11.39 25.11
CA VAL A 267 -3.40 10.00 25.50
C VAL A 267 -2.96 9.98 26.96
N THR A 268 -2.02 10.86 27.29
CA THR A 268 -1.51 10.95 28.66
C THR A 268 -2.63 11.26 29.65
N LEU A 269 -3.43 12.26 29.32
CA LEU A 269 -4.54 12.67 30.19
C LEU A 269 -5.57 11.56 30.38
N ALA A 270 -5.99 10.93 29.29
CA ALA A 270 -6.98 9.86 29.38
C ALA A 270 -6.46 8.73 30.26
N HIS A 271 -5.26 8.25 29.96
CA HIS A 271 -4.65 7.17 30.73
C HIS A 271 -4.46 7.54 32.19
N ALA A 272 -3.97 8.74 32.44
CA ALA A 272 -3.75 9.20 33.80
C ALA A 272 -5.06 9.21 34.56
N LEU A 273 -6.16 9.43 33.84
CA LEU A 273 -7.49 9.47 34.44
C LEU A 273 -8.20 8.12 34.44
N GLY A 274 -7.48 7.06 34.08
CA GLY A 274 -8.07 5.74 34.06
C GLY A 274 -8.99 5.45 32.89
N MET A 275 -8.86 6.24 31.82
CA MET A 275 -9.70 6.04 30.63
C MET A 275 -8.88 5.37 29.54
N ARG A 276 -9.56 4.65 28.65
CA ARG A 276 -8.88 3.98 27.55
C ARG A 276 -8.84 4.92 26.36
N VAL A 277 -8.06 4.57 25.35
CA VAL A 277 -7.92 5.42 24.18
C VAL A 277 -8.02 4.67 22.86
N MET A 278 -8.62 5.31 21.87
CA MET A 278 -8.70 4.75 20.54
C MET A 278 -8.35 5.91 19.61
N VAL A 279 -7.91 5.60 18.40
CA VAL A 279 -7.56 6.64 17.46
C VAL A 279 -8.36 6.41 16.18
N GLY A 280 -8.79 7.51 15.56
CA GLY A 280 -9.57 7.43 14.33
C GLY A 280 -8.99 8.33 13.27
N CYS A 281 -9.72 8.51 12.18
CA CYS A 281 -9.23 9.35 11.08
C CYS A 281 -10.36 9.74 10.14
N MET A 282 -10.04 10.66 9.23
CA MET A 282 -10.99 11.08 8.20
C MET A 282 -10.39 10.43 6.95
N THR A 283 -11.05 10.58 5.81
CA THR A 283 -10.47 10.06 4.58
C THR A 283 -9.25 10.98 4.46
N GLU A 284 -8.05 10.40 4.40
CA GLU A 284 -6.80 11.17 4.37
C GLU A 284 -5.73 10.44 3.58
N THR A 285 -4.67 11.16 3.20
CA THR A 285 -3.57 10.52 2.49
C THR A 285 -2.74 9.84 3.57
N SER A 286 -1.71 9.11 3.18
CA SER A 286 -0.87 8.43 4.15
C SER A 286 -0.08 9.38 5.04
N CYS A 287 -0.09 10.67 4.71
CA CYS A 287 0.61 11.64 5.55
C CYS A 287 -0.05 11.68 6.93
N ALA A 288 -1.31 12.11 6.98
CA ALA A 288 -2.02 12.19 8.24
C ALA A 288 -2.23 10.82 8.90
N ILE A 289 -2.44 9.79 8.10
CA ILE A 289 -2.66 8.45 8.65
C ILE A 289 -1.40 7.94 9.35
N SER A 290 -0.25 8.16 8.72
CA SER A 290 1.02 7.71 9.30
C SER A 290 1.34 8.51 10.56
N ALA A 291 1.02 9.81 10.52
CA ALA A 291 1.27 10.68 11.66
C ALA A 291 0.54 10.15 12.89
N ALA A 292 -0.75 9.83 12.72
CA ALA A 292 -1.54 9.31 13.82
C ALA A 292 -1.06 7.93 14.26
N SER A 293 -0.57 7.14 13.30
CA SER A 293 -0.09 5.81 13.62
C SER A 293 1.12 5.82 14.54
N GLN A 294 1.85 6.94 14.57
CA GLN A 294 3.04 7.04 15.42
C GLN A 294 2.74 6.82 16.90
N PHE A 295 1.51 7.09 17.34
CA PHE A 295 1.20 6.83 18.75
C PHE A 295 0.23 5.67 18.93
N SER A 296 -0.05 4.95 17.84
CA SER A 296 -0.98 3.82 17.93
C SER A 296 -0.55 2.71 18.90
N PRO A 297 0.77 2.58 19.19
CA PRO A 297 1.12 1.50 20.13
C PRO A 297 0.51 1.73 21.51
N ALA A 298 0.00 2.93 21.75
CA ALA A 298 -0.59 3.27 23.05
C ALA A 298 -2.12 3.14 23.08
N VAL A 299 -2.74 2.86 21.94
CA VAL A 299 -4.19 2.75 21.89
C VAL A 299 -4.75 1.33 21.99
N ASP A 300 -6.03 1.23 22.36
CA ASP A 300 -6.74 -0.04 22.48
C ASP A 300 -7.39 -0.43 21.16
N PHE A 301 -7.89 0.58 20.46
CA PHE A 301 -8.55 0.37 19.17
C PHE A 301 -8.08 1.43 18.19
N ALA A 302 -8.08 1.07 16.91
CA ALA A 302 -7.65 2.00 15.89
C ALA A 302 -8.45 1.84 14.61
N ASP A 303 -8.93 2.96 14.09
CA ASP A 303 -9.65 2.98 12.83
C ASP A 303 -8.76 3.88 11.99
N LEU A 304 -7.70 3.29 11.43
CA LEU A 304 -6.72 4.02 10.63
C LEU A 304 -6.59 3.47 9.23
N ASP A 305 -7.70 3.52 8.49
CA ASP A 305 -7.77 3.01 7.13
C ASP A 305 -8.09 4.12 6.12
N GLY A 306 -8.02 5.37 6.56
CA GLY A 306 -8.36 6.50 5.71
C GLY A 306 -7.75 6.55 4.32
N ASN A 307 -6.48 6.20 4.20
CA ASN A 307 -5.79 6.23 2.92
C ASN A 307 -6.24 5.13 1.96
N LEU A 308 -6.75 4.04 2.50
CA LEU A 308 -7.22 2.93 1.67
C LEU A 308 -8.51 3.30 0.96
N LEU A 309 -9.16 4.36 1.45
CA LEU A 309 -10.43 4.79 0.90
C LEU A 309 -10.32 5.81 -0.23
N ILE A 310 -9.09 6.28 -0.51
CA ILE A 310 -8.90 7.25 -1.58
C ILE A 310 -8.10 6.66 -2.71
N SER A 311 -8.26 7.22 -3.90
CA SER A 311 -7.55 6.71 -5.07
C SER A 311 -6.32 7.52 -5.45
N ASN A 312 -6.09 8.64 -4.76
CA ASN A 312 -4.95 9.49 -5.08
C ASN A 312 -4.01 9.79 -3.91
N ASP A 313 -3.59 8.74 -3.21
CA ASP A 313 -2.66 8.91 -2.09
C ASP A 313 -1.34 9.41 -2.67
N ARG A 314 -0.67 10.30 -1.94
CA ARG A 314 0.60 10.88 -2.40
C ARG A 314 1.83 10.34 -1.68
N PHE A 315 1.60 9.53 -0.64
CA PHE A 315 2.71 9.02 0.14
C PHE A 315 2.63 7.53 0.39
N LYS A 316 3.79 6.94 0.68
CA LYS A 316 3.87 5.55 1.05
C LYS A 316 4.33 5.62 2.50
N GLY A 317 3.48 5.19 3.42
CA GLY A 317 3.82 5.25 4.83
C GLY A 317 3.44 3.98 5.54
N VAL A 318 2.66 4.09 6.61
CA VAL A 318 2.24 2.91 7.35
C VAL A 318 1.45 1.97 6.46
N GLU A 319 1.62 0.68 6.70
CA GLU A 319 0.93 -0.35 5.92
C GLU A 319 0.13 -1.25 6.84
N VAL A 320 -0.80 -1.99 6.26
CA VAL A 320 -1.60 -2.95 7.02
C VAL A 320 -1.06 -4.34 6.70
N VAL A 321 -0.54 -5.01 7.72
CA VAL A 321 0.04 -6.34 7.57
C VAL A 321 -0.57 -7.26 8.63
N ASN A 322 -1.11 -8.39 8.19
CA ASN A 322 -1.76 -9.33 9.11
C ASN A 322 -2.83 -8.55 9.86
N GLY A 323 -3.45 -7.61 9.18
CA GLY A 323 -4.50 -6.79 9.76
C GLY A 323 -4.02 -5.74 10.75
N LYS A 324 -2.70 -5.66 10.94
CA LYS A 324 -2.13 -4.71 11.90
C LYS A 324 -1.49 -3.49 11.26
N ILE A 325 -1.67 -2.34 11.91
CA ILE A 325 -1.03 -1.12 11.43
C ILE A 325 0.45 -1.42 11.59
N THR A 326 1.23 -1.14 10.55
CA THR A 326 2.66 -1.45 10.60
C THR A 326 3.51 -0.24 10.31
N LEU A 327 4.26 0.19 11.32
CA LEU A 327 5.13 1.35 11.21
C LEU A 327 6.46 0.97 10.57
N ASN A 328 6.96 1.84 9.69
CA ASN A 328 8.27 1.59 9.07
C ASN A 328 9.29 2.33 9.92
N ASP A 329 10.56 2.31 9.52
CA ASP A 329 11.59 2.98 10.29
C ASP A 329 11.97 4.37 9.76
N LEU A 330 11.17 4.92 8.85
CA LEU A 330 11.46 6.25 8.32
C LEU A 330 11.26 7.28 9.44
N PRO A 331 12.12 8.31 9.47
CA PRO A 331 12.07 9.39 10.47
C PRO A 331 10.82 10.26 10.35
N GLY A 332 10.56 11.06 11.38
CA GLY A 332 9.41 11.93 11.36
C GLY A 332 8.10 11.15 11.47
N ILE A 333 7.17 11.41 10.56
CA ILE A 333 5.89 10.71 10.59
C ILE A 333 5.94 9.39 9.82
N GLY A 334 7.11 9.09 9.25
CA GLY A 334 7.30 7.83 8.54
C GLY A 334 6.73 7.67 7.15
N VAL A 335 6.82 8.71 6.32
CA VAL A 335 6.31 8.59 4.96
C VAL A 335 7.37 8.94 3.92
N MET A 336 7.17 8.40 2.72
CA MET A 336 8.04 8.68 1.60
C MET A 336 7.12 9.29 0.55
N LYS A 337 7.54 10.40 -0.02
CA LYS A 337 6.74 11.05 -1.05
C LYS A 337 6.92 10.27 -2.36
N LYS B 2 -17.33 -17.28 -17.40
CA LYS B 2 -17.59 -16.07 -18.21
C LYS B 2 -16.43 -15.09 -18.06
N MET B 3 -15.77 -14.79 -19.17
CA MET B 3 -14.65 -13.85 -19.12
C MET B 3 -15.02 -12.51 -19.73
N THR B 4 -14.68 -11.45 -19.00
CA THR B 4 -14.94 -10.09 -19.45
C THR B 4 -13.60 -9.36 -19.36
N PHE B 5 -13.45 -8.29 -20.13
CA PHE B 5 -12.20 -7.56 -20.14
C PHE B 5 -12.37 -6.14 -20.68
N PHE B 6 -11.53 -5.23 -20.22
CA PHE B 6 -11.61 -3.84 -20.66
C PHE B 6 -10.28 -3.13 -20.51
N PRO B 7 -10.02 -2.12 -21.35
CA PRO B 7 -8.77 -1.36 -21.28
C PRO B 7 -8.75 -0.54 -19.99
N TYR B 8 -7.57 -0.46 -19.37
CA TYR B 8 -7.41 0.29 -18.14
C TYR B 8 -5.99 0.86 -18.14
N GLU B 9 -5.82 2.01 -18.79
CA GLU B 9 -4.49 2.61 -18.88
C GLU B 9 -3.92 2.95 -17.51
N LEU B 10 -2.67 2.56 -17.28
CA LEU B 10 -2.01 2.85 -16.02
C LEU B 10 -1.40 4.25 -16.08
N LYS B 11 -1.55 5.01 -15.01
CA LYS B 11 -1.00 6.35 -14.92
C LYS B 11 0.23 6.26 -14.04
N LEU B 12 1.40 6.57 -14.58
CA LEU B 12 2.62 6.50 -13.79
C LEU B 12 2.81 7.75 -12.95
N ARG B 13 3.43 7.59 -11.79
CA ARG B 13 3.65 8.72 -10.90
C ARG B 13 4.74 9.66 -11.40
N HIS B 14 5.71 9.11 -12.13
CA HIS B 14 6.81 9.90 -12.65
C HIS B 14 7.24 9.36 -14.00
N VAL B 15 8.12 10.07 -14.69
CA VAL B 15 8.60 9.60 -15.98
C VAL B 15 9.32 8.29 -15.73
N PHE B 16 9.01 7.29 -16.54
CA PHE B 16 9.59 5.96 -16.42
C PHE B 16 10.41 5.68 -17.66
N THR B 17 11.68 5.30 -17.48
CA THR B 17 12.55 5.05 -18.62
C THR B 17 13.12 3.64 -18.72
N VAL B 18 13.09 3.11 -19.95
CA VAL B 18 13.60 1.79 -20.27
C VAL B 18 14.52 2.01 -21.47
N ALA B 19 15.80 1.74 -21.32
CA ALA B 19 16.75 1.95 -22.41
C ALA B 19 16.57 3.36 -22.94
N THR B 20 16.17 3.49 -24.21
CA THR B 20 15.97 4.80 -24.83
C THR B 20 14.51 5.22 -24.89
N TYR B 21 13.66 4.54 -24.13
CA TYR B 21 12.23 4.84 -24.13
C TYR B 21 11.73 5.32 -22.78
N SER B 22 11.03 6.45 -22.79
CA SER B 22 10.47 7.02 -21.57
C SER B 22 8.96 7.20 -21.76
N ARG B 23 8.21 7.09 -20.67
CA ARG B 23 6.77 7.25 -20.76
C ARG B 23 6.17 7.58 -19.39
N THR B 24 4.93 8.07 -19.39
CA THR B 24 4.26 8.41 -18.14
C THR B 24 2.93 7.65 -18.00
N THR B 25 2.69 6.72 -18.92
CA THR B 25 1.49 5.89 -18.90
C THR B 25 1.84 4.53 -19.47
N THR B 26 0.97 3.55 -19.23
CA THR B 26 1.19 2.20 -19.75
C THR B 26 -0.13 1.55 -20.17
N PRO B 27 -0.24 1.14 -21.44
CA PRO B 27 -1.48 0.49 -21.89
C PRO B 27 -1.65 -0.77 -21.04
N ASP B 28 -2.88 -1.09 -20.68
CA ASP B 28 -3.13 -2.23 -19.81
C ASP B 28 -4.59 -2.69 -20.02
N VAL B 29 -4.82 -3.99 -19.85
CA VAL B 29 -6.17 -4.53 -19.98
C VAL B 29 -6.46 -5.36 -18.74
N GLN B 30 -7.61 -5.09 -18.11
CA GLN B 30 -8.01 -5.81 -16.92
C GLN B 30 -8.98 -6.92 -17.32
N VAL B 31 -8.76 -8.11 -16.76
CA VAL B 31 -9.57 -9.27 -17.10
C VAL B 31 -10.25 -9.88 -15.89
N GLU B 32 -11.45 -10.42 -16.10
CA GLU B 32 -12.20 -11.07 -15.03
C GLU B 32 -12.84 -12.36 -15.55
N ILE B 33 -12.76 -13.42 -14.75
CA ILE B 33 -13.36 -14.70 -15.11
C ILE B 33 -14.28 -15.08 -13.95
N GLU B 34 -15.56 -15.19 -14.24
CA GLU B 34 -16.56 -15.54 -13.23
C GLU B 34 -17.02 -16.98 -13.40
N TYR B 35 -17.15 -17.67 -12.28
CA TYR B 35 -17.58 -19.06 -12.28
C TYR B 35 -18.32 -19.35 -10.98
N GLU B 36 -19.59 -19.73 -11.11
CA GLU B 36 -20.43 -20.04 -9.96
C GLU B 36 -20.34 -19.03 -8.82
N GLY B 37 -20.39 -17.75 -9.16
CA GLY B 37 -20.35 -16.71 -8.16
C GLY B 37 -18.97 -16.27 -7.69
N VAL B 38 -17.93 -16.93 -8.16
CA VAL B 38 -16.57 -16.60 -7.78
C VAL B 38 -15.88 -15.89 -8.95
N THR B 39 -15.10 -14.85 -8.66
CA THR B 39 -14.43 -14.10 -9.69
C THR B 39 -12.91 -14.08 -9.57
N GLY B 40 -12.23 -14.43 -10.65
CA GLY B 40 -10.78 -14.40 -10.67
C GLY B 40 -10.33 -13.17 -11.44
N TYR B 41 -9.36 -12.44 -10.91
CA TYR B 41 -8.85 -11.23 -11.53
C TYR B 41 -7.54 -11.42 -12.28
N GLY B 42 -7.49 -10.94 -13.51
CA GLY B 42 -6.30 -11.04 -14.33
C GLY B 42 -5.91 -9.71 -14.91
N GLU B 43 -4.73 -9.63 -15.51
CA GLU B 43 -4.25 -8.39 -16.08
C GLU B 43 -3.19 -8.59 -17.14
N ALA B 44 -3.21 -7.70 -18.13
CA ALA B 44 -2.22 -7.69 -19.20
C ALA B 44 -1.64 -6.27 -19.15
N SER B 45 -0.32 -6.16 -19.09
CA SER B 45 0.34 -4.86 -19.08
C SER B 45 1.16 -4.82 -20.35
N MET B 46 1.08 -3.72 -21.08
CA MET B 46 1.78 -3.63 -22.34
C MET B 46 2.75 -2.49 -22.58
N PRO B 47 3.99 -2.62 -22.06
CA PRO B 47 4.97 -1.55 -22.29
C PRO B 47 5.03 -1.46 -23.82
N PRO B 48 4.87 -0.25 -24.39
CA PRO B 48 4.90 -0.09 -25.85
C PRO B 48 5.96 -0.85 -26.65
N TYR B 49 7.21 -0.75 -26.24
CA TYR B 49 8.29 -1.39 -26.97
C TYR B 49 8.25 -2.92 -27.01
N LEU B 50 7.37 -3.54 -26.22
CA LEU B 50 7.29 -4.99 -26.22
C LEU B 50 6.38 -5.57 -27.31
N GLY B 51 5.74 -4.70 -28.09
CA GLY B 51 4.94 -5.20 -29.20
C GLY B 51 3.46 -5.53 -29.04
N GLU B 52 2.90 -5.29 -27.87
CA GLU B 52 1.48 -5.54 -27.68
C GLU B 52 0.80 -4.19 -27.42
N THR B 53 -0.48 -4.11 -27.76
CA THR B 53 -1.24 -2.87 -27.60
C THR B 53 -2.62 -3.20 -27.07
N VAL B 54 -3.40 -2.17 -26.73
CA VAL B 54 -4.75 -2.40 -26.26
C VAL B 54 -5.48 -3.16 -27.35
N GLU B 55 -5.28 -2.74 -28.60
CA GLU B 55 -5.93 -3.41 -29.73
C GLU B 55 -5.54 -4.87 -29.87
N SER B 56 -4.24 -5.17 -29.83
CA SER B 56 -3.81 -6.56 -29.98
C SER B 56 -4.32 -7.44 -28.85
N VAL B 57 -4.28 -6.92 -27.62
CA VAL B 57 -4.73 -7.69 -26.47
C VAL B 57 -6.25 -7.89 -26.48
N MET B 58 -7.00 -6.83 -26.76
CA MET B 58 -8.45 -6.95 -26.82
C MET B 58 -8.84 -7.92 -27.93
N ASN B 59 -8.18 -7.82 -29.08
CA ASN B 59 -8.48 -8.72 -30.20
C ASN B 59 -8.16 -10.16 -29.82
N PHE B 60 -7.07 -10.39 -29.11
CA PHE B 60 -6.72 -11.74 -28.71
C PHE B 60 -7.76 -12.30 -27.75
N LEU B 61 -8.11 -11.51 -26.73
CA LEU B 61 -9.08 -11.96 -25.74
C LEU B 61 -10.43 -12.28 -26.36
N LYS B 62 -10.77 -11.61 -27.46
CA LYS B 62 -12.03 -11.86 -28.14
C LYS B 62 -12.04 -13.22 -28.86
N LYS B 63 -10.86 -13.83 -28.99
CA LYS B 63 -10.76 -15.13 -29.65
C LYS B 63 -10.89 -16.27 -28.64
N VAL B 64 -10.76 -15.93 -27.36
CA VAL B 64 -10.82 -16.94 -26.29
C VAL B 64 -12.22 -17.35 -25.86
N ASN B 65 -12.51 -18.64 -25.97
CA ASN B 65 -13.80 -19.17 -25.56
C ASN B 65 -13.59 -20.10 -24.36
N LEU B 66 -13.86 -19.59 -23.16
CA LEU B 66 -13.72 -20.38 -21.96
C LEU B 66 -15.07 -21.00 -21.59
N GLU B 67 -16.13 -20.58 -22.25
CA GLU B 67 -17.46 -21.11 -21.97
C GLU B 67 -17.51 -22.61 -22.26
N GLN B 68 -16.78 -23.04 -23.28
CA GLN B 68 -16.75 -24.44 -23.67
C GLN B 68 -16.08 -25.35 -22.64
N PHE B 69 -15.42 -24.75 -21.66
CA PHE B 69 -14.75 -25.51 -20.61
C PHE B 69 -15.61 -25.51 -19.35
N SER B 70 -15.95 -26.70 -18.86
CA SER B 70 -16.79 -26.82 -17.68
C SER B 70 -16.06 -26.93 -16.35
N ASP B 71 -14.74 -27.05 -16.40
CA ASP B 71 -13.95 -27.22 -15.19
C ASP B 71 -12.74 -26.28 -15.13
N PRO B 72 -12.82 -25.21 -14.33
CA PRO B 72 -11.72 -24.24 -14.21
C PRO B 72 -10.39 -24.87 -13.78
N PHE B 73 -10.47 -26.00 -13.09
CA PHE B 73 -9.29 -26.68 -12.59
C PHE B 73 -8.41 -27.32 -13.67
N GLN B 74 -8.94 -27.54 -14.86
CA GLN B 74 -8.16 -28.17 -15.92
C GLN B 74 -7.29 -27.13 -16.62
N LEU B 75 -6.38 -26.53 -15.85
CA LEU B 75 -5.50 -25.49 -16.37
C LEU B 75 -4.56 -25.95 -17.48
N GLU B 76 -4.10 -27.20 -17.42
CA GLU B 76 -3.22 -27.71 -18.46
C GLU B 76 -3.94 -27.62 -19.81
N ASP B 77 -5.15 -28.17 -19.87
CA ASP B 77 -5.95 -28.16 -21.10
C ASP B 77 -6.38 -26.76 -21.52
N ILE B 78 -6.88 -25.98 -20.56
CA ILE B 78 -7.35 -24.63 -20.86
C ILE B 78 -6.24 -23.73 -21.39
N LEU B 79 -5.11 -23.71 -20.68
CA LEU B 79 -4.01 -22.85 -21.10
C LEU B 79 -3.29 -23.34 -22.35
N SER B 80 -3.39 -24.63 -22.65
CA SER B 80 -2.79 -25.15 -23.88
C SER B 80 -3.64 -24.60 -25.02
N TYR B 81 -4.96 -24.61 -24.82
CA TYR B 81 -5.90 -24.09 -25.81
C TYR B 81 -5.65 -22.60 -26.02
N VAL B 82 -5.52 -21.85 -24.92
CA VAL B 82 -5.27 -20.42 -25.03
C VAL B 82 -4.00 -20.12 -25.81
N ASP B 83 -2.93 -20.87 -25.52
CA ASP B 83 -1.65 -20.66 -26.20
C ASP B 83 -1.75 -20.94 -27.70
N SER B 84 -2.59 -21.91 -28.06
CA SER B 84 -2.75 -22.29 -29.46
C SER B 84 -3.47 -21.27 -30.35
N LEU B 85 -4.14 -20.30 -29.73
CA LEU B 85 -4.87 -19.30 -30.49
C LEU B 85 -4.02 -18.33 -31.30
N SER B 86 -2.75 -18.18 -30.93
CA SER B 86 -1.85 -17.31 -31.66
C SER B 86 -0.41 -17.67 -31.33
N PRO B 87 0.54 -17.26 -32.18
CA PRO B 87 1.95 -17.56 -31.93
C PRO B 87 2.56 -16.85 -30.73
N LYS B 88 2.15 -15.62 -30.48
CA LYS B 88 2.70 -14.86 -29.36
C LYS B 88 1.66 -14.27 -28.41
N ASP B 89 1.50 -12.95 -28.43
CA ASP B 89 0.52 -12.28 -27.55
C ASP B 89 0.66 -12.79 -26.12
N THR B 90 1.88 -12.85 -25.62
CA THR B 90 2.11 -13.37 -24.28
C THR B 90 1.48 -12.61 -23.12
N ALA B 91 1.34 -11.29 -23.23
CA ALA B 91 0.72 -10.52 -22.16
C ALA B 91 -0.78 -10.80 -22.12
N ALA B 92 -1.39 -10.88 -23.30
CA ALA B 92 -2.82 -11.17 -23.36
C ALA B 92 -3.07 -12.55 -22.77
N LYS B 93 -2.21 -13.51 -23.11
CA LYS B 93 -2.34 -14.87 -22.59
C LYS B 93 -2.10 -14.88 -21.09
N ALA B 94 -1.15 -14.09 -20.63
CA ALA B 94 -0.86 -14.02 -19.19
C ALA B 94 -2.08 -13.54 -18.41
N ALA B 95 -2.81 -12.59 -18.97
CA ALA B 95 -4.00 -12.08 -18.29
C ALA B 95 -5.02 -13.18 -18.02
N VAL B 96 -5.20 -14.07 -18.99
CA VAL B 96 -6.15 -15.17 -18.85
C VAL B 96 -5.63 -16.14 -17.80
N ASP B 97 -4.34 -16.43 -17.87
CA ASP B 97 -3.70 -17.33 -16.91
C ASP B 97 -3.82 -16.81 -15.49
N ILE B 98 -3.51 -15.53 -15.28
CA ILE B 98 -3.59 -14.95 -13.95
C ILE B 98 -5.02 -15.01 -13.39
N ALA B 99 -6.00 -14.65 -14.21
CA ALA B 99 -7.41 -14.69 -13.76
C ALA B 99 -7.81 -16.13 -13.41
N LEU B 100 -7.40 -17.09 -14.22
CA LEU B 100 -7.72 -18.49 -13.96
C LEU B 100 -7.09 -18.99 -12.67
N HIS B 101 -5.85 -18.58 -12.40
CA HIS B 101 -5.21 -19.00 -11.16
C HIS B 101 -5.89 -18.36 -9.97
N ASP B 102 -6.30 -17.11 -10.11
CA ASP B 102 -6.97 -16.45 -9.00
C ASP B 102 -8.28 -17.19 -8.72
N LEU B 103 -9.00 -17.54 -9.79
CA LEU B 103 -10.27 -18.25 -9.66
C LEU B 103 -10.08 -19.60 -9.01
N VAL B 104 -9.13 -20.39 -9.53
CA VAL B 104 -8.88 -21.71 -8.98
C VAL B 104 -8.45 -21.67 -7.51
N GLY B 105 -7.59 -20.71 -7.17
CA GLY B 105 -7.14 -20.60 -5.79
C GLY B 105 -8.30 -20.26 -4.88
N LYS B 106 -9.19 -19.41 -5.37
CA LYS B 106 -10.37 -19.03 -4.60
C LYS B 106 -11.29 -20.23 -4.44
N LEU B 107 -11.41 -21.05 -5.47
CA LEU B 107 -12.26 -22.24 -5.41
C LEU B 107 -11.69 -23.25 -4.41
N LEU B 108 -10.36 -23.29 -4.31
CA LEU B 108 -9.68 -24.20 -3.39
C LEU B 108 -9.51 -23.59 -2.00
N GLY B 109 -9.67 -22.27 -1.90
CA GLY B 109 -9.52 -21.61 -0.63
C GLY B 109 -8.07 -21.51 -0.17
N ALA B 110 -7.16 -21.30 -1.10
CA ALA B 110 -5.75 -21.19 -0.74
C ALA B 110 -4.96 -20.33 -1.73
N PRO B 111 -3.89 -19.67 -1.25
CA PRO B 111 -3.04 -18.83 -2.09
C PRO B 111 -2.13 -19.77 -2.89
N TRP B 112 -1.66 -19.33 -4.05
CA TRP B 112 -0.80 -20.21 -4.82
C TRP B 112 0.55 -20.53 -4.19
N TYR B 113 1.09 -19.63 -3.36
CA TYR B 113 2.37 -19.95 -2.73
C TYR B 113 2.17 -21.21 -1.87
N LYS B 114 0.98 -21.33 -1.28
CA LYS B 114 0.67 -22.47 -0.42
C LYS B 114 0.41 -23.73 -1.25
N ILE B 115 -0.32 -23.57 -2.34
CA ILE B 115 -0.63 -24.69 -3.23
C ILE B 115 0.68 -25.24 -3.78
N TRP B 116 1.61 -24.34 -4.10
CA TRP B 116 2.91 -24.75 -4.64
C TRP B 116 3.85 -25.29 -3.57
N GLY B 117 3.43 -25.21 -2.31
CA GLY B 117 4.22 -25.73 -1.20
C GLY B 117 5.38 -24.89 -0.73
N LEU B 118 5.28 -23.57 -0.94
CA LEU B 118 6.35 -22.66 -0.55
C LEU B 118 6.14 -22.01 0.81
N ASN B 119 7.22 -21.53 1.39
CA ASN B 119 7.21 -20.87 2.70
C ASN B 119 7.18 -19.37 2.45
N LYS B 120 6.05 -18.73 2.77
CA LYS B 120 5.91 -17.28 2.53
C LYS B 120 6.94 -16.44 3.28
N GLU B 121 7.54 -17.00 4.33
CA GLU B 121 8.53 -16.24 5.07
C GLU B 121 9.84 -16.15 4.32
N LYS B 122 9.94 -16.87 3.21
CA LYS B 122 11.15 -16.84 2.40
C LYS B 122 11.06 -15.90 1.21
N THR B 123 10.06 -15.03 1.22
CA THR B 123 9.91 -14.04 0.15
C THR B 123 11.17 -13.17 0.19
N PRO B 124 11.58 -12.66 -0.97
CA PRO B 124 12.77 -11.81 -1.05
C PRO B 124 12.51 -10.33 -0.83
N SER B 125 13.61 -9.58 -0.75
CA SER B 125 13.53 -8.13 -0.66
C SER B 125 13.34 -7.73 -2.10
N THR B 126 12.56 -6.69 -2.35
CA THR B 126 12.39 -6.23 -3.72
C THR B 126 13.26 -5.01 -3.92
N THR B 127 13.81 -4.88 -5.13
CA THR B 127 14.60 -3.69 -5.42
C THR B 127 13.63 -2.56 -5.68
N PHE B 128 14.16 -1.34 -5.67
CA PHE B 128 13.41 -0.13 -5.99
C PHE B 128 14.46 0.62 -6.80
N THR B 129 14.03 1.28 -7.88
CA THR B 129 14.96 1.96 -8.76
C THR B 129 15.29 3.42 -8.49
N ILE B 130 16.56 3.78 -8.69
CA ILE B 130 17.01 5.16 -8.55
C ILE B 130 17.16 5.59 -10.01
N GLY B 131 16.28 6.48 -10.45
CA GLY B 131 16.31 6.92 -11.84
C GLY B 131 17.40 7.90 -12.23
N ILE B 132 17.73 7.90 -13.53
CA ILE B 132 18.74 8.79 -14.06
C ILE B 132 18.26 10.23 -13.95
N ASP B 133 19.15 11.12 -13.53
CA ASP B 133 18.81 12.52 -13.37
C ASP B 133 20.07 13.26 -12.96
N THR B 134 19.95 14.54 -12.64
CA THR B 134 21.09 15.33 -12.21
C THR B 134 21.61 14.75 -10.90
N PRO B 135 22.93 14.83 -10.66
CA PRO B 135 23.54 14.30 -9.43
C PRO B 135 22.80 14.72 -8.17
N ASP B 136 22.26 15.93 -8.17
CA ASP B 136 21.53 16.44 -7.01
C ASP B 136 20.20 15.71 -6.82
N VAL B 137 19.48 15.50 -7.92
CA VAL B 137 18.19 14.82 -7.87
C VAL B 137 18.40 13.35 -7.49
N VAL B 138 19.47 12.76 -8.02
CA VAL B 138 19.80 11.37 -7.74
C VAL B 138 20.04 11.14 -6.26
N ARG B 139 20.95 11.92 -5.68
CA ARG B 139 21.27 11.78 -4.25
C ARG B 139 20.01 12.03 -3.41
N ALA B 140 19.15 12.92 -3.88
CA ALA B 140 17.92 13.26 -3.17
C ALA B 140 16.97 12.07 -3.16
N LYS B 141 16.63 11.56 -4.33
CA LYS B 141 15.71 10.43 -4.43
C LYS B 141 16.29 9.18 -3.77
N THR B 142 17.61 9.01 -3.85
CA THR B 142 18.25 7.87 -3.22
C THR B 142 17.98 7.95 -1.73
N LYS B 143 18.20 9.13 -1.15
CA LYS B 143 17.97 9.34 0.28
C LYS B 143 16.51 9.13 0.66
N GLU B 144 15.60 9.66 -0.15
CA GLU B 144 14.17 9.54 0.11
C GLU B 144 13.66 8.11 0.25
N CYS B 145 14.15 7.20 -0.58
CA CYS B 145 13.70 5.82 -0.51
C CYS B 145 14.69 4.93 0.23
N ALA B 146 15.90 5.40 0.42
CA ALA B 146 16.92 4.62 1.13
C ALA B 146 16.56 4.66 2.61
N GLY B 147 15.65 3.76 2.99
CA GLY B 147 15.20 3.66 4.36
C GLY B 147 14.06 2.66 4.39
N LEU B 148 13.49 2.41 3.22
CA LEU B 148 12.37 1.48 3.06
C LEU B 148 12.78 0.19 2.35
N PHE B 149 13.88 0.24 1.63
CA PHE B 149 14.34 -0.93 0.88
C PHE B 149 15.70 -1.45 1.34
N ASN B 150 15.95 -2.72 1.04
CA ASN B 150 17.19 -3.37 1.45
C ASN B 150 18.18 -3.49 0.30
N ILE B 151 17.70 -3.23 -0.91
CA ILE B 151 18.54 -3.33 -2.10
C ILE B 151 18.00 -2.37 -3.15
N LEU B 152 18.91 -1.69 -3.85
CA LEU B 152 18.50 -0.73 -4.86
C LEU B 152 18.84 -1.18 -6.27
N LYS B 153 18.02 -0.75 -7.22
CA LYS B 153 18.25 -1.09 -8.62
C LYS B 153 18.69 0.14 -9.39
N VAL B 154 19.63 -0.06 -10.31
CA VAL B 154 20.12 1.04 -11.14
C VAL B 154 20.19 0.50 -12.56
N LYS B 155 19.62 1.25 -13.49
CA LYS B 155 19.63 0.83 -14.89
C LYS B 155 20.83 1.49 -15.56
N LEU B 156 21.78 0.67 -16.00
CA LEU B 156 22.97 1.18 -16.65
C LEU B 156 22.90 1.00 -18.16
N GLY B 157 24.05 1.05 -18.82
CA GLY B 157 24.06 0.92 -20.27
C GLY B 157 23.89 2.28 -20.90
N ARG B 158 24.02 3.32 -20.08
CA ARG B 158 23.88 4.70 -20.52
C ARG B 158 25.25 5.31 -20.78
N ASP B 159 25.37 6.62 -20.59
CA ASP B 159 26.62 7.32 -20.83
C ASP B 159 27.31 7.80 -19.55
N ASN B 160 26.60 7.77 -18.43
CA ASN B 160 27.16 8.22 -17.15
C ASN B 160 27.04 7.16 -16.07
N ASP B 161 27.14 5.89 -16.47
CA ASP B 161 27.02 4.78 -15.53
C ASP B 161 27.91 4.91 -14.29
N LYS B 162 29.20 5.15 -14.47
CA LYS B 162 30.10 5.28 -13.33
C LYS B 162 29.72 6.41 -12.40
N GLU B 163 29.45 7.58 -12.98
CA GLU B 163 29.06 8.73 -12.17
C GLU B 163 27.80 8.40 -11.37
N MET B 164 26.86 7.73 -12.03
CA MET B 164 25.61 7.36 -11.38
C MET B 164 25.86 6.49 -10.15
N ILE B 165 26.65 5.44 -10.31
CA ILE B 165 26.96 4.54 -9.21
C ILE B 165 27.73 5.27 -8.10
N GLU B 166 28.67 6.11 -8.49
CA GLU B 166 29.44 6.87 -7.50
C GLU B 166 28.54 7.81 -6.72
N THR B 167 27.61 8.46 -7.43
CA THR B 167 26.69 9.39 -6.80
C THR B 167 25.83 8.68 -5.76
N ILE B 168 25.21 7.57 -6.17
CA ILE B 168 24.37 6.80 -5.27
C ILE B 168 25.17 6.26 -4.09
N ARG B 169 26.31 5.64 -4.38
CA ARG B 169 27.15 5.06 -3.35
C ARG B 169 27.69 6.11 -2.37
N SER B 170 27.60 7.38 -2.73
CA SER B 170 28.10 8.45 -1.86
C SER B 170 27.11 8.81 -0.77
N VAL B 171 25.86 8.34 -0.90
CA VAL B 171 24.83 8.64 0.08
C VAL B 171 24.14 7.40 0.66
N THR B 172 24.65 6.23 0.32
CA THR B 172 24.08 4.97 0.82
C THR B 172 25.04 3.80 0.67
N ASP B 173 24.95 2.85 1.59
CA ASP B 173 25.81 1.67 1.54
C ASP B 173 25.00 0.40 1.22
N LEU B 174 23.78 0.59 0.72
CA LEU B 174 22.92 -0.54 0.38
C LEU B 174 23.47 -1.30 -0.82
N PRO B 175 23.20 -2.61 -0.88
CA PRO B 175 23.70 -3.37 -2.04
C PRO B 175 22.92 -2.87 -3.25
N ILE B 176 23.52 -3.00 -4.44
CA ILE B 176 22.87 -2.55 -5.65
C ILE B 176 22.80 -3.64 -6.70
N ALA B 177 21.67 -3.72 -7.38
CA ALA B 177 21.48 -4.67 -8.45
C ALA B 177 21.46 -3.79 -9.70
N VAL B 178 22.19 -4.19 -10.74
CA VAL B 178 22.22 -3.39 -11.97
C VAL B 178 21.66 -4.13 -13.17
N ASP B 179 20.99 -3.39 -14.05
CA ASP B 179 20.45 -3.96 -15.27
C ASP B 179 20.99 -3.10 -16.39
N ALA B 180 21.84 -3.68 -17.23
CA ALA B 180 22.45 -2.95 -18.33
C ALA B 180 21.52 -2.96 -19.54
N ASN B 181 20.54 -3.86 -19.51
CA ASN B 181 19.57 -4.01 -20.59
C ASN B 181 20.19 -3.95 -21.99
N GLN B 182 21.06 -4.91 -22.26
CA GLN B 182 21.73 -5.02 -23.57
C GLN B 182 22.54 -3.80 -23.94
N GLY B 183 22.86 -2.95 -22.96
CA GLY B 183 23.59 -1.74 -23.23
C GLY B 183 25.06 -1.81 -23.60
N TRP B 184 25.77 -2.85 -23.16
CA TRP B 184 27.18 -2.96 -23.47
C TRP B 184 27.49 -3.91 -24.62
N LYS B 185 27.89 -3.34 -25.75
CA LYS B 185 28.21 -4.11 -26.94
C LYS B 185 29.64 -4.66 -26.90
N ASP B 186 30.51 -4.01 -26.12
CA ASP B 186 31.88 -4.47 -26.01
C ASP B 186 32.06 -5.42 -24.84
N ARG B 187 32.48 -6.64 -25.18
CA ARG B 187 32.70 -7.71 -24.22
C ARG B 187 33.68 -7.37 -23.10
N GLN B 188 34.81 -6.77 -23.46
CA GLN B 188 35.82 -6.41 -22.47
C GLN B 188 35.31 -5.32 -21.54
N TYR B 189 34.60 -4.36 -22.10
CA TYR B 189 34.04 -3.26 -21.32
C TYR B 189 33.08 -3.85 -20.29
N ALA B 190 32.21 -4.75 -20.75
CA ALA B 190 31.24 -5.39 -19.88
C ALA B 190 31.94 -6.06 -18.70
N LEU B 191 32.94 -6.87 -18.97
CA LEU B 191 33.66 -7.56 -17.90
C LEU B 191 34.38 -6.57 -16.99
N ASP B 192 35.06 -5.60 -17.57
CA ASP B 192 35.77 -4.60 -16.77
C ASP B 192 34.79 -3.85 -15.89
N MET B 193 33.62 -3.53 -16.44
CA MET B 193 32.61 -2.81 -15.68
C MET B 193 32.08 -3.67 -14.54
N ILE B 194 31.90 -4.97 -14.81
CA ILE B 194 31.40 -5.87 -13.79
C ILE B 194 32.36 -5.92 -12.60
N HIS B 195 33.66 -5.99 -12.87
CA HIS B 195 34.63 -6.01 -11.78
C HIS B 195 34.57 -4.70 -11.00
N TRP B 196 34.41 -3.58 -11.71
CA TRP B 196 34.34 -2.28 -11.05
C TRP B 196 33.08 -2.18 -10.20
N LEU B 197 31.97 -2.67 -10.74
CA LEU B 197 30.70 -2.63 -10.03
C LEU B 197 30.78 -3.50 -8.77
N LYS B 198 31.42 -4.66 -8.89
CA LYS B 198 31.59 -5.57 -7.75
C LYS B 198 32.31 -4.84 -6.62
N GLU B 199 33.33 -4.06 -6.99
CA GLU B 199 34.10 -3.30 -6.01
C GLU B 199 33.24 -2.21 -5.36
N LYS B 200 32.25 -1.73 -6.12
CA LYS B 200 31.36 -0.69 -5.63
C LYS B 200 30.14 -1.22 -4.88
N GLY B 201 30.14 -2.51 -4.59
CA GLY B 201 29.03 -3.07 -3.83
C GLY B 201 27.83 -3.57 -4.60
N ILE B 202 27.97 -3.73 -5.92
CA ILE B 202 26.87 -4.26 -6.72
C ILE B 202 26.89 -5.77 -6.47
N VAL B 203 25.71 -6.38 -6.36
CA VAL B 203 25.61 -7.80 -6.07
C VAL B 203 25.04 -8.68 -7.18
N MET B 204 24.61 -8.07 -8.27
CA MET B 204 24.04 -8.84 -9.37
C MET B 204 23.97 -7.98 -10.61
N ILE B 205 24.15 -8.61 -11.77
CA ILE B 205 24.07 -7.89 -13.03
C ILE B 205 23.10 -8.61 -13.95
N GLU B 206 22.30 -7.82 -14.64
CA GLU B 206 21.30 -8.35 -15.54
C GLU B 206 21.57 -7.92 -16.98
N GLN B 207 21.44 -8.88 -17.90
CA GLN B 207 21.61 -8.67 -19.35
C GLN B 207 22.65 -7.62 -19.72
N PRO B 208 23.93 -7.91 -19.45
CA PRO B 208 24.97 -6.94 -19.80
C PRO B 208 25.09 -6.60 -21.28
N MET B 209 24.88 -7.59 -22.14
CA MET B 209 25.03 -7.36 -23.58
C MET B 209 23.80 -7.75 -24.41
N PRO B 210 23.81 -7.37 -25.70
CA PRO B 210 22.68 -7.70 -26.59
C PRO B 210 22.47 -9.21 -26.66
N LYS B 211 21.21 -9.62 -26.75
CA LYS B 211 20.89 -11.04 -26.82
C LYS B 211 21.52 -11.73 -28.03
N GLU B 212 21.84 -10.96 -29.07
CA GLU B 212 22.46 -11.52 -30.27
C GLU B 212 23.89 -11.98 -30.03
N GLN B 213 24.53 -11.42 -29.00
CA GLN B 213 25.92 -11.78 -28.69
C GLN B 213 26.00 -12.76 -27.53
N LEU B 214 25.33 -13.90 -27.66
CA LEU B 214 25.32 -14.91 -26.62
C LEU B 214 26.69 -15.48 -26.30
N ASP B 215 27.54 -15.62 -27.31
CA ASP B 215 28.88 -16.15 -27.08
C ASP B 215 29.69 -15.19 -26.23
N ASP B 216 29.55 -13.90 -26.49
CA ASP B 216 30.27 -12.90 -25.72
C ASP B 216 29.77 -12.92 -24.27
N ILE B 217 28.46 -13.10 -24.10
CA ILE B 217 27.88 -13.14 -22.76
C ILE B 217 28.43 -14.32 -21.96
N ALA B 218 28.54 -15.48 -22.59
CA ALA B 218 29.06 -16.65 -21.90
C ALA B 218 30.51 -16.38 -21.49
N TRP B 219 31.25 -15.72 -22.38
CA TRP B 219 32.65 -15.38 -22.13
C TRP B 219 32.76 -14.53 -20.87
N VAL B 220 31.87 -13.56 -20.76
CA VAL B 220 31.84 -12.66 -19.60
C VAL B 220 31.44 -13.39 -18.33
N THR B 221 30.32 -14.12 -18.39
CA THR B 221 29.82 -14.84 -17.23
C THR B 221 30.82 -15.81 -16.64
N GLN B 222 31.58 -16.48 -17.49
CA GLN B 222 32.57 -17.45 -17.05
C GLN B 222 33.69 -16.80 -16.22
N GLN B 223 33.86 -15.49 -16.35
CA GLN B 223 34.91 -14.77 -15.63
C GLN B 223 34.32 -13.75 -14.66
N SER B 224 33.00 -13.73 -14.53
CA SER B 224 32.33 -12.76 -13.67
C SER B 224 32.25 -13.08 -12.18
N PRO B 225 32.58 -12.09 -11.33
CA PRO B 225 32.53 -12.28 -9.88
C PRO B 225 31.10 -12.08 -9.38
N LEU B 226 30.23 -11.66 -10.30
CA LEU B 226 28.83 -11.42 -9.98
C LEU B 226 27.92 -12.34 -10.78
N PRO B 227 26.77 -12.73 -10.19
CA PRO B 227 25.85 -13.59 -10.94
C PRO B 227 25.27 -12.77 -12.08
N VAL B 228 25.17 -13.37 -13.26
CA VAL B 228 24.65 -12.68 -14.45
C VAL B 228 23.32 -13.30 -14.85
N PHE B 229 22.27 -12.49 -14.85
CA PHE B 229 20.93 -12.97 -15.19
C PHE B 229 20.46 -12.57 -16.57
N ALA B 230 19.77 -13.50 -17.22
CA ALA B 230 19.23 -13.29 -18.56
C ALA B 230 17.83 -12.69 -18.46
N ASP B 231 17.56 -11.68 -19.29
CA ASP B 231 16.24 -11.07 -19.31
C ASP B 231 15.80 -11.00 -20.78
N GLU B 232 16.31 -10.02 -21.51
CA GLU B 232 15.94 -9.88 -22.92
C GLU B 232 16.32 -11.14 -23.71
N SER B 233 17.26 -11.93 -23.17
CA SER B 233 17.70 -13.16 -23.83
C SER B 233 16.70 -14.31 -23.78
N LEU B 234 15.59 -14.14 -23.07
CA LEU B 234 14.58 -15.20 -23.02
C LEU B 234 13.19 -14.63 -22.75
N GLN B 235 12.17 -15.40 -23.14
CA GLN B 235 10.81 -14.97 -22.92
C GLN B 235 9.99 -16.09 -22.30
N ARG B 236 10.08 -17.28 -22.88
CA ARG B 236 9.30 -18.41 -22.41
C ARG B 236 10.08 -19.65 -22.02
N LEU B 237 9.35 -20.66 -21.58
CA LEU B 237 9.92 -21.93 -21.14
C LEU B 237 10.88 -22.54 -22.16
N GLY B 238 10.50 -22.50 -23.43
CA GLY B 238 11.34 -23.07 -24.47
C GLY B 238 12.63 -22.33 -24.77
N ASP B 239 12.84 -21.19 -24.12
CA ASP B 239 14.06 -20.40 -24.35
C ASP B 239 15.09 -20.58 -23.24
N VAL B 240 14.72 -21.28 -22.17
CA VAL B 240 15.61 -21.46 -21.02
C VAL B 240 16.84 -22.34 -21.20
N ALA B 241 16.64 -23.57 -21.65
CA ALA B 241 17.74 -24.52 -21.81
C ALA B 241 18.96 -24.01 -22.60
N ALA B 242 18.71 -23.26 -23.65
CA ALA B 242 19.79 -22.74 -24.49
C ALA B 242 20.71 -21.75 -23.77
N LEU B 243 20.26 -21.25 -22.62
CA LEU B 243 21.06 -20.28 -21.87
C LEU B 243 21.98 -20.89 -20.82
N LYS B 244 21.82 -22.18 -20.57
CA LYS B 244 22.66 -22.85 -19.59
C LYS B 244 24.11 -22.72 -20.02
N GLY B 245 24.97 -22.31 -19.09
CA GLY B 245 26.38 -22.17 -19.42
C GLY B 245 26.75 -20.79 -19.93
N ALA B 246 25.76 -19.96 -20.21
CA ALA B 246 26.02 -18.62 -20.72
C ALA B 246 25.60 -17.59 -19.68
N PHE B 247 24.64 -17.98 -18.84
CA PHE B 247 24.11 -17.12 -17.78
C PHE B 247 24.07 -17.86 -16.44
N THR B 248 24.16 -17.11 -15.36
CA THR B 248 24.09 -17.68 -14.03
C THR B 248 22.64 -18.01 -13.69
N GLY B 249 21.73 -17.18 -14.20
CA GLY B 249 20.32 -17.40 -13.92
C GLY B 249 19.41 -16.72 -14.90
N ILE B 250 18.10 -16.90 -14.73
CA ILE B 250 17.12 -16.30 -15.61
C ILE B 250 16.16 -15.39 -14.88
N ASN B 251 15.62 -14.40 -15.60
CA ASN B 251 14.64 -13.48 -15.05
C ASN B 251 13.31 -13.86 -15.69
N ILE B 252 12.30 -14.05 -14.86
CA ILE B 252 10.97 -14.44 -15.32
C ILE B 252 9.99 -13.28 -15.13
N LYS B 253 9.19 -13.00 -16.16
CA LYS B 253 8.17 -11.95 -16.06
C LYS B 253 6.88 -12.53 -16.63
N LEU B 254 5.79 -12.42 -15.88
CA LEU B 254 4.51 -12.97 -16.32
C LEU B 254 4.08 -12.47 -17.70
N MET B 255 4.26 -11.19 -17.98
CA MET B 255 3.82 -10.66 -19.27
C MET B 255 4.62 -11.21 -20.45
N LYS B 256 5.80 -11.76 -20.17
CA LYS B 256 6.63 -12.34 -21.22
C LYS B 256 6.42 -13.84 -21.39
N CYS B 257 6.10 -14.53 -20.29
CA CYS B 257 5.98 -15.98 -20.34
C CYS B 257 4.61 -16.64 -20.43
N THR B 258 3.56 -15.83 -20.48
CA THR B 258 2.14 -16.25 -20.55
C THR B 258 1.50 -16.54 -19.21
N GLY B 259 2.15 -16.12 -18.13
CA GLY B 259 1.54 -16.30 -16.83
C GLY B 259 2.20 -17.19 -15.80
N MET B 260 1.45 -17.41 -14.72
CA MET B 260 1.90 -18.19 -13.58
C MET B 260 2.24 -19.65 -13.83
N ARG B 261 1.42 -20.35 -14.61
CA ARG B 261 1.70 -21.77 -14.85
C ARG B 261 3.03 -21.98 -15.56
N GLU B 262 3.28 -21.22 -16.61
CA GLU B 262 4.54 -21.37 -17.32
C GLU B 262 5.69 -20.82 -16.47
N ALA B 263 5.42 -19.76 -15.69
CA ALA B 263 6.45 -19.19 -14.83
C ALA B 263 6.97 -20.23 -13.86
N TRP B 264 6.05 -20.96 -13.24
CA TRP B 264 6.45 -21.97 -12.28
C TRP B 264 7.23 -23.09 -12.95
N LYS B 265 6.87 -23.41 -14.20
CA LYS B 265 7.60 -24.45 -14.93
C LYS B 265 9.01 -23.94 -15.22
N MET B 266 9.14 -22.64 -15.47
CA MET B 266 10.45 -22.05 -15.76
C MET B 266 11.34 -22.10 -14.52
N VAL B 267 10.75 -21.90 -13.35
CA VAL B 267 11.51 -21.95 -12.11
C VAL B 267 12.02 -23.37 -11.93
N THR B 268 11.14 -24.35 -12.14
CA THR B 268 11.49 -25.74 -12.00
C THR B 268 12.60 -26.12 -12.98
N LEU B 269 12.47 -25.69 -14.24
CA LEU B 269 13.46 -26.00 -15.25
C LEU B 269 14.81 -25.36 -14.96
N ALA B 270 14.81 -24.07 -14.66
CA ALA B 270 16.06 -23.38 -14.38
C ALA B 270 16.81 -24.05 -13.22
N HIS B 271 16.11 -24.30 -12.13
CA HIS B 271 16.70 -24.93 -10.95
C HIS B 271 17.21 -26.33 -11.26
N ALA B 272 16.40 -27.12 -11.95
CA ALA B 272 16.79 -28.48 -12.31
C ALA B 272 18.06 -28.44 -13.15
N LEU B 273 18.28 -27.33 -13.86
CA LEU B 273 19.46 -27.17 -14.70
C LEU B 273 20.61 -26.45 -14.01
N GLY B 274 20.48 -26.22 -12.70
CA GLY B 274 21.53 -25.56 -11.96
C GLY B 274 21.65 -24.05 -12.15
N MET B 275 20.59 -23.43 -12.66
CA MET B 275 20.58 -21.98 -12.88
C MET B 275 19.79 -21.31 -11.77
N ARG B 276 20.11 -20.05 -11.49
CA ARG B 276 19.38 -19.32 -10.47
C ARG B 276 18.18 -18.65 -11.12
N VAL B 277 17.28 -18.11 -10.30
CA VAL B 277 16.09 -17.47 -10.81
C VAL B 277 15.80 -16.15 -10.13
N MET B 278 15.30 -15.19 -10.90
CA MET B 278 14.89 -13.91 -10.36
C MET B 278 13.56 -13.62 -11.03
N VAL B 279 12.77 -12.74 -10.43
CA VAL B 279 11.48 -12.40 -11.00
C VAL B 279 11.38 -10.89 -11.14
N GLY B 280 10.79 -10.45 -12.24
CA GLY B 280 10.66 -9.03 -12.50
C GLY B 280 9.22 -8.69 -12.81
N CYS B 281 8.98 -7.46 -13.27
CA CYS B 281 7.62 -7.02 -13.59
C CYS B 281 7.63 -5.79 -14.50
N MET B 282 6.45 -5.46 -15.02
CA MET B 282 6.28 -4.27 -15.82
C MET B 282 5.53 -3.34 -14.87
N THR B 283 5.27 -2.10 -15.27
CA THR B 283 4.48 -1.23 -14.44
C THR B 283 3.14 -1.98 -14.50
N GLU B 284 2.63 -2.39 -13.35
CA GLU B 284 1.39 -3.18 -13.27
C GLU B 284 0.59 -2.85 -12.01
N THR B 285 -0.68 -3.23 -12.00
CA THR B 285 -1.49 -3.01 -10.80
C THR B 285 -1.09 -4.14 -9.86
N SER B 286 -1.64 -4.13 -8.65
CA SER B 286 -1.31 -5.18 -7.70
C SER B 286 -1.80 -6.57 -8.11
N CYS B 287 -2.63 -6.63 -9.15
CA CYS B 287 -3.10 -7.92 -9.63
C CYS B 287 -1.91 -8.74 -10.13
N ALA B 288 -1.27 -8.28 -11.19
CA ALA B 288 -0.12 -9.00 -11.73
C ALA B 288 1.06 -9.08 -10.77
N ILE B 289 1.28 -8.03 -9.98
CA ILE B 289 2.39 -8.03 -9.04
C ILE B 289 2.21 -9.11 -7.98
N SER B 290 1.00 -9.21 -7.43
CA SER B 290 0.73 -10.21 -6.40
C SER B 290 0.81 -11.61 -6.99
N ALA B 291 0.37 -11.77 -8.23
CA ALA B 291 0.41 -13.06 -8.91
C ALA B 291 1.85 -13.56 -9.00
N ALA B 292 2.75 -12.68 -9.44
CA ALA B 292 4.15 -13.05 -9.57
C ALA B 292 4.76 -13.29 -8.19
N SER B 293 4.32 -12.53 -7.21
CA SER B 293 4.85 -12.69 -5.85
C SER B 293 4.57 -14.06 -5.27
N GLN B 294 3.55 -14.75 -5.78
CA GLN B 294 3.19 -16.07 -5.27
C GLN B 294 4.32 -17.09 -5.36
N PHE B 295 5.24 -16.92 -6.31
CA PHE B 295 6.37 -17.86 -6.38
C PHE B 295 7.68 -17.21 -5.98
N SER B 296 7.62 -16.00 -5.44
CA SER B 296 8.83 -15.32 -5.04
C SER B 296 9.65 -16.03 -3.95
N PRO B 297 9.01 -16.91 -3.15
CA PRO B 297 9.83 -17.58 -2.13
C PRO B 297 10.92 -18.48 -2.76
N ALA B 298 10.80 -18.73 -4.05
CA ALA B 298 11.76 -19.59 -4.75
C ALA B 298 12.83 -18.81 -5.52
N VAL B 299 12.76 -17.49 -5.53
CA VAL B 299 13.75 -16.70 -6.28
C VAL B 299 14.87 -16.11 -5.45
N ASP B 300 15.96 -15.76 -6.13
CA ASP B 300 17.14 -15.16 -5.50
C ASP B 300 17.02 -13.64 -5.44
N PHE B 301 16.42 -13.07 -6.47
CA PHE B 301 16.24 -11.62 -6.56
C PHE B 301 14.84 -11.35 -7.09
N ALA B 302 14.29 -10.19 -6.71
CA ALA B 302 12.97 -9.82 -7.17
C ALA B 302 12.86 -8.32 -7.38
N ASP B 303 12.31 -7.95 -8.53
CA ASP B 303 12.07 -6.55 -8.84
C ASP B 303 10.55 -6.57 -8.98
N LEU B 304 9.86 -6.44 -7.85
CA LEU B 304 8.40 -6.49 -7.81
C LEU B 304 7.81 -5.24 -7.17
N ASP B 305 8.10 -4.10 -7.79
CA ASP B 305 7.64 -2.81 -7.29
C ASP B 305 6.73 -2.10 -8.30
N GLY B 306 6.30 -2.82 -9.32
CA GLY B 306 5.47 -2.23 -10.37
C GLY B 306 4.28 -1.40 -9.95
N ASN B 307 3.55 -1.85 -8.95
CA ASN B 307 2.36 -1.15 -8.48
C ASN B 307 2.70 0.15 -7.74
N LEU B 308 3.91 0.23 -7.19
CA LEU B 308 4.31 1.44 -6.46
C LEU B 308 4.57 2.58 -7.43
N LEU B 309 4.74 2.23 -8.70
CA LEU B 309 5.03 3.22 -9.74
C LEU B 309 3.80 3.81 -10.40
N ILE B 310 2.61 3.31 -10.07
CA ILE B 310 1.39 3.82 -10.67
C ILE B 310 0.51 4.53 -9.64
N SER B 311 -0.33 5.45 -10.12
CA SER B 311 -1.20 6.19 -9.22
C SER B 311 -2.64 5.69 -9.21
N ASN B 312 -2.95 4.72 -10.05
CA ASN B 312 -4.31 4.20 -10.12
C ASN B 312 -4.42 2.68 -9.93
N ASP B 313 -3.82 2.17 -8.88
CA ASP B 313 -3.87 0.74 -8.58
C ASP B 313 -5.32 0.44 -8.22
N ARG B 314 -5.80 -0.74 -8.61
CA ARG B 314 -7.19 -1.14 -8.34
C ARG B 314 -7.30 -2.19 -7.25
N PHE B 315 -6.17 -2.76 -6.85
CA PHE B 315 -6.18 -3.81 -5.84
C PHE B 315 -5.23 -3.58 -4.68
N LYS B 316 -5.53 -4.25 -3.58
CA LYS B 316 -4.67 -4.22 -2.41
C LYS B 316 -4.20 -5.67 -2.33
N GLY B 317 -2.92 -5.89 -2.56
CA GLY B 317 -2.38 -7.24 -2.51
C GLY B 317 -1.09 -7.31 -1.72
N VAL B 318 -0.03 -7.84 -2.33
CA VAL B 318 1.25 -7.93 -1.63
C VAL B 318 1.74 -6.55 -1.22
N GLU B 319 2.39 -6.47 -0.08
CA GLU B 319 2.91 -5.22 0.43
C GLU B 319 4.40 -5.34 0.68
N VAL B 320 5.08 -4.19 0.83
CA VAL B 320 6.50 -4.18 1.12
C VAL B 320 6.67 -3.83 2.59
N VAL B 321 7.24 -4.76 3.34
CA VAL B 321 7.45 -4.59 4.78
C VAL B 321 8.92 -4.88 5.08
N ASN B 322 9.58 -3.92 5.73
CA ASN B 322 11.00 -4.07 6.03
C ASN B 322 11.74 -4.35 4.73
N GLY B 323 11.25 -3.74 3.66
CA GLY B 323 11.86 -3.91 2.33
C GLY B 323 11.57 -5.27 1.70
N LYS B 324 10.79 -6.09 2.39
CA LYS B 324 10.49 -7.43 1.91
C LYS B 324 9.09 -7.59 1.30
N ILE B 325 9.01 -8.33 0.20
CA ILE B 325 7.73 -8.61 -0.43
C ILE B 325 6.97 -9.41 0.61
N THR B 326 5.73 -9.01 0.90
CA THR B 326 4.97 -9.67 1.93
C THR B 326 3.61 -10.17 1.44
N LEU B 327 3.48 -11.48 1.41
CA LEU B 327 2.26 -12.14 0.94
C LEU B 327 1.22 -12.21 2.05
N ASN B 328 -0.05 -11.98 1.70
CA ASN B 328 -1.11 -12.08 2.69
C ASN B 328 -1.69 -13.50 2.58
N ASP B 329 -2.75 -13.77 3.33
CA ASP B 329 -3.36 -15.10 3.33
C ASP B 329 -4.57 -15.22 2.41
N LEU B 330 -4.82 -14.20 1.60
CA LEU B 330 -5.96 -14.25 0.69
C LEU B 330 -5.72 -15.34 -0.36
N PRO B 331 -6.77 -16.08 -0.73
CA PRO B 331 -6.66 -17.16 -1.71
C PRO B 331 -6.40 -16.64 -3.12
N GLY B 332 -6.05 -17.54 -4.03
CA GLY B 332 -5.78 -17.14 -5.39
C GLY B 332 -4.47 -16.39 -5.50
N ILE B 333 -4.48 -15.23 -6.16
CA ILE B 333 -3.27 -14.45 -6.31
C ILE B 333 -3.05 -13.49 -5.14
N GLY B 334 -3.95 -13.52 -4.17
CA GLY B 334 -3.81 -12.69 -2.99
C GLY B 334 -4.18 -11.23 -3.05
N VAL B 335 -5.27 -10.89 -3.74
CA VAL B 335 -5.68 -9.50 -3.83
C VAL B 335 -7.12 -9.26 -3.45
N MET B 336 -7.39 -8.02 -3.04
CA MET B 336 -8.73 -7.59 -2.68
C MET B 336 -8.98 -6.39 -3.59
N LYS B 337 -10.12 -6.39 -4.27
CA LYS B 337 -10.45 -5.28 -5.15
C LYS B 337 -10.93 -4.10 -4.29
N ALA C . -12.56 4.67 8.56
CA ALA C . -12.71 6.12 8.72
C ALA C . -14.11 6.61 9.13
O ALA C . -15.08 5.86 9.12
CB ALA C . -12.32 6.79 7.42
N DGL D . -14.20 7.89 9.50
CA DGL D . -15.48 8.49 9.90
C DGL D . -15.52 8.93 11.38
O DGL D . -16.55 9.50 11.78
CB DGL D . -15.84 9.67 8.98
CG DGL D . -14.69 10.63 8.61
CD DGL D . -14.92 11.36 7.29
OE1 DGL D . -16.02 11.92 7.08
OE2 DGL D . -13.99 11.37 6.47
OXT DGL D . -14.54 8.69 12.13
MG MG E . -16.98 7.79 15.62
N ALA F . 10.63 -1.99 -11.50
CA ALA F . 10.09 -2.50 -12.77
C ALA F . 10.98 -2.25 -14.00
O ALA F . 11.98 -1.55 -13.93
CB ALA F . 8.74 -1.87 -13.01
N DGL G . 10.61 -2.86 -15.13
CA DGL G . 11.40 -2.71 -16.36
C DGL G . 12.05 -4.02 -16.81
O DGL G . 12.74 -3.97 -17.85
CB DGL G . 10.54 -2.12 -17.48
CG DGL G . 9.15 -2.71 -17.66
CD DGL G . 8.15 -1.71 -18.24
OE1 DGL G . 8.41 -1.15 -19.32
OE2 DGL G . 7.10 -1.51 -17.61
OXT DGL G . 11.91 -5.06 -16.14
MG MG H . 15.91 -6.53 -17.12
#